data_8QUO
#
_entry.id   8QUO
#
_cell.length_a   1.00
_cell.length_b   1.00
_cell.length_c   1.00
_cell.angle_alpha   90.00
_cell.angle_beta   90.00
_cell.angle_gamma   90.00
#
_symmetry.space_group_name_H-M   'P 1'
#
loop_
_entity.id
_entity.type
_entity.pdbx_description
1 polymer 'Coproheme decarboxylase'
2 non-polymer 'PROTOPORPHYRIN IX CONTAINING FE'
3 water water
#
_entity_poly.entity_id   1
_entity_poly.type   'polypeptide(L)'
_entity_poly.pdbx_seq_one_letter_code
;GPMAEKLNFEELNSMQRYSQFAVFRAIPGALGSDRAEIVAQAQSFFDGLETAGKVEVRGIYDLAGCRAEADFMIWWIAEE
FEEIQAAFARFRRETVLGQVSEVAWLGNSLHRPAEFNRSHLPSFIMGEIPGDWITVYPFVRSYDWYIMDPQKRRKILAEH
GQAARDFPDVRANTVPAFALGDYEWMLAFEAPRLDRIVDLMHKMRYTEARLHVREETPFFTGRRVSEVSELVNVLPG
;
_entity_poly.pdbx_strand_id   A,B,C,D,E
#
loop_
_chem_comp.id
_chem_comp.type
_chem_comp.name
_chem_comp.formula
HEM non-polymer 'PROTOPORPHYRIN IX CONTAINING FE' 'C34 H32 Fe N4 O4'
#
# COMPACT_ATOMS: atom_id res chain seq x y z
N ASN A 8 45.35 -6.00 -10.67
CA ASN A 8 44.14 -5.43 -11.27
C ASN A 8 43.01 -5.35 -10.27
N PHE A 9 43.11 -6.15 -9.20
CA PHE A 9 42.04 -6.19 -8.20
C PHE A 9 41.90 -4.85 -7.49
N GLU A 10 43.02 -4.20 -7.19
CA GLU A 10 42.95 -2.88 -6.58
C GLU A 10 42.28 -1.86 -7.50
N GLU A 11 42.60 -1.92 -8.79
CA GLU A 11 41.96 -1.03 -9.76
C GLU A 11 40.46 -1.31 -9.84
N LEU A 12 40.07 -2.59 -9.83
CA LEU A 12 38.65 -2.93 -9.88
C LEU A 12 37.93 -2.45 -8.62
N ASN A 13 38.57 -2.57 -7.46
CA ASN A 13 37.94 -2.13 -6.22
C ASN A 13 37.86 -0.61 -6.14
N SER A 14 38.81 0.09 -6.74
CA SER A 14 38.85 1.55 -6.67
C SER A 14 38.08 2.23 -7.79
N MET A 15 37.64 1.48 -8.81
CA MET A 15 36.92 2.08 -9.92
C MET A 15 35.52 2.50 -9.49
N GLN A 16 35.00 3.52 -10.15
CA GLN A 16 33.68 4.08 -9.85
C GLN A 16 32.71 3.67 -10.95
N ARG A 17 31.63 3.00 -10.56
CA ARG A 17 30.64 2.53 -11.53
C ARG A 17 29.26 2.59 -10.88
N TYR A 18 28.40 3.45 -11.39
CA TYR A 18 26.98 3.44 -11.05
C TYR A 18 26.26 2.44 -11.94
N SER A 19 25.34 1.68 -11.34
CA SER A 19 24.56 0.69 -12.06
C SER A 19 23.08 0.93 -11.79
N GLN A 20 22.24 0.69 -12.80
CA GLN A 20 20.81 0.89 -12.65
C GLN A 20 20.04 -0.23 -13.34
N PHE A 21 19.06 -0.77 -12.61
CA PHE A 21 18.03 -1.64 -13.15
C PHE A 21 16.75 -0.82 -13.29
N ALA A 22 16.41 -0.46 -14.52
CA ALA A 22 15.19 0.29 -14.80
C ALA A 22 14.12 -0.68 -15.26
N VAL A 23 13.09 -0.86 -14.43
CA VAL A 23 12.02 -1.81 -14.70
C VAL A 23 10.83 -1.05 -15.26
N PHE A 24 10.31 -1.51 -16.39
CA PHE A 24 9.22 -0.85 -17.08
C PHE A 24 8.04 -1.81 -17.25
N ARG A 25 6.84 -1.25 -17.15
N ARG A 25 6.84 -1.25 -17.16
CA ARG A 25 5.60 -1.97 -17.33
CA ARG A 25 5.60 -1.97 -17.33
C ARG A 25 4.90 -1.45 -18.58
C ARG A 25 4.90 -1.45 -18.58
N ALA A 26 4.48 -2.36 -19.46
CA ALA A 26 3.81 -1.98 -20.69
C ALA A 26 2.38 -1.55 -20.41
N ILE A 27 1.93 -0.52 -21.12
CA ILE A 27 0.55 -0.04 -21.04
C ILE A 27 -0.25 -0.74 -22.12
N PRO A 28 -1.23 -1.57 -21.78
CA PRO A 28 -2.00 -2.27 -22.82
C PRO A 28 -2.73 -1.29 -23.72
N GLY A 29 -2.76 -1.60 -25.01
CA GLY A 29 -3.43 -0.78 -26.00
C GLY A 29 -2.66 0.42 -26.48
N ALA A 30 -1.43 0.62 -26.01
CA ALA A 30 -0.63 1.77 -26.40
C ALA A 30 0.42 1.46 -27.44
N LEU A 31 0.96 0.24 -27.45
CA LEU A 31 2.02 -0.09 -28.39
C LEU A 31 1.49 -0.27 -29.81
N GLY A 32 0.32 -0.89 -29.94
CA GLY A 32 -0.24 -1.16 -31.25
C GLY A 32 0.24 -2.47 -31.83
N SER A 33 -0.17 -2.71 -33.08
CA SER A 33 0.18 -3.93 -33.78
C SER A 33 1.33 -3.76 -34.77
N ASP A 34 1.50 -2.57 -35.33
CA ASP A 34 2.62 -2.28 -36.22
C ASP A 34 3.77 -1.77 -35.38
N ARG A 35 4.86 -2.54 -35.31
CA ARG A 35 5.95 -2.25 -34.40
C ARG A 35 7.32 -2.19 -35.08
N ALA A 36 7.37 -2.25 -36.41
CA ALA A 36 8.66 -2.22 -37.10
C ALA A 36 9.39 -0.91 -36.87
N GLU A 37 8.68 0.22 -36.99
CA GLU A 37 9.30 1.51 -36.79
C GLU A 37 9.69 1.72 -35.33
N ILE A 38 8.87 1.22 -34.40
CA ILE A 38 9.21 1.31 -32.98
C ILE A 38 10.48 0.51 -32.69
N VAL A 39 10.57 -0.69 -33.27
CA VAL A 39 11.77 -1.52 -33.09
C VAL A 39 12.99 -0.80 -33.65
N ALA A 40 12.86 -0.23 -34.85
CA ALA A 40 13.99 0.46 -35.46
C ALA A 40 14.43 1.66 -34.62
N GLN A 41 13.48 2.44 -34.11
CA GLN A 41 13.82 3.60 -33.30
C GLN A 41 14.50 3.21 -32.00
N ALA A 42 13.98 2.17 -31.33
CA ALA A 42 14.61 1.72 -30.09
C ALA A 42 16.01 1.18 -30.34
N GLN A 43 16.19 0.42 -31.43
CA GLN A 43 17.50 -0.11 -31.76
C GLN A 43 18.48 1.01 -32.08
N SER A 44 18.01 2.04 -32.79
CA SER A 44 18.88 3.19 -33.06
C SER A 44 19.25 3.92 -31.79
N PHE A 45 18.30 4.04 -30.85
CA PHE A 45 18.62 4.67 -29.57
C PHE A 45 19.70 3.91 -28.82
N PHE A 46 19.57 2.58 -28.77
CA PHE A 46 20.58 1.79 -28.06
C PHE A 46 21.92 1.80 -28.79
N ASP A 47 21.90 1.82 -30.13
CA ASP A 47 23.14 1.93 -30.89
C ASP A 47 23.83 3.26 -30.63
N GLY A 48 23.05 4.35 -30.55
CA GLY A 48 23.63 5.63 -30.19
C GLY A 48 24.20 5.64 -28.80
N LEU A 49 23.52 4.98 -27.86
CA LEU A 49 24.06 4.85 -26.50
C LEU A 49 25.40 4.12 -26.53
N GLU A 50 25.49 3.04 -27.30
CA GLU A 50 26.74 2.30 -27.39
C GLU A 50 27.84 3.14 -28.04
N THR A 51 27.48 3.90 -29.08
CA THR A 51 28.47 4.72 -29.79
C THR A 51 29.00 5.84 -28.90
N ALA A 52 28.12 6.46 -28.09
CA ALA A 52 28.56 7.56 -27.24
C ALA A 52 29.63 7.13 -26.25
N GLY A 53 29.58 5.88 -25.78
CA GLY A 53 30.63 5.34 -24.95
C GLY A 53 30.56 5.72 -23.48
N LYS A 54 29.48 6.36 -23.04
CA LYS A 54 29.32 6.75 -21.64
C LYS A 54 28.51 5.75 -20.84
N VAL A 55 27.36 5.32 -21.37
CA VAL A 55 26.47 4.39 -20.70
C VAL A 55 26.58 3.05 -21.40
N GLU A 56 26.96 2.02 -20.66
CA GLU A 56 27.05 0.66 -21.19
C GLU A 56 25.79 -0.10 -20.79
N VAL A 57 25.05 -0.57 -21.79
CA VAL A 57 23.84 -1.34 -21.54
C VAL A 57 24.27 -2.79 -21.29
N ARG A 58 24.24 -3.20 -20.02
CA ARG A 58 24.63 -4.57 -19.70
C ARG A 58 23.63 -5.57 -20.25
N GLY A 59 22.34 -5.25 -20.18
CA GLY A 59 21.36 -6.20 -20.67
C GLY A 59 19.97 -5.62 -20.77
N ILE A 60 19.15 -6.27 -21.61
CA ILE A 60 17.73 -6.02 -21.70
C ILE A 60 17.03 -7.34 -21.44
N TYR A 61 16.09 -7.34 -20.49
CA TYR A 61 15.52 -8.57 -19.96
C TYR A 61 14.00 -8.55 -20.09
N ASP A 62 13.44 -9.69 -20.50
CA ASP A 62 12.00 -9.87 -20.60
C ASP A 62 11.47 -10.40 -19.28
N LEU A 63 10.63 -9.59 -18.61
CA LEU A 63 10.09 -9.94 -17.31
C LEU A 63 8.67 -10.48 -17.38
N ALA A 64 8.19 -10.84 -18.57
CA ALA A 64 6.83 -11.32 -18.71
C ALA A 64 6.61 -12.59 -17.90
N GLY A 65 5.53 -12.62 -17.14
CA GLY A 65 5.20 -13.76 -16.31
C GLY A 65 5.84 -13.78 -14.94
N CYS A 66 6.71 -12.82 -14.63
CA CYS A 66 7.35 -12.79 -13.32
C CYS A 66 6.41 -12.21 -12.27
N ARG A 67 5.96 -10.98 -12.46
CA ARG A 67 5.06 -10.32 -11.54
C ARG A 67 4.09 -9.45 -12.34
N ALA A 68 3.03 -9.02 -11.66
CA ALA A 68 1.93 -8.34 -12.35
C ALA A 68 2.34 -6.95 -12.85
N GLU A 69 3.23 -6.27 -12.14
CA GLU A 69 3.50 -4.86 -12.38
C GLU A 69 4.77 -4.62 -13.19
N ALA A 70 5.34 -5.65 -13.81
CA ALA A 70 6.58 -5.51 -14.56
C ALA A 70 6.46 -6.19 -15.91
N ASP A 71 7.11 -5.61 -16.90
CA ASP A 71 7.11 -6.19 -18.25
C ASP A 71 8.50 -6.38 -18.84
N PHE A 72 9.42 -5.45 -18.60
CA PHE A 72 10.80 -5.64 -19.05
C PHE A 72 11.73 -4.81 -18.18
N MET A 73 13.03 -5.00 -18.39
CA MET A 73 14.03 -4.35 -17.55
C MET A 73 15.26 -4.03 -18.37
N ILE A 74 15.88 -2.89 -18.06
CA ILE A 74 17.13 -2.47 -18.68
C ILE A 74 18.18 -2.36 -17.58
N TRP A 75 19.27 -3.10 -17.71
CA TRP A 75 20.40 -3.01 -16.80
C TRP A 75 21.52 -2.27 -17.52
N TRP A 76 21.85 -1.07 -17.05
CA TRP A 76 22.92 -0.29 -17.65
C TRP A 76 23.80 0.34 -16.59
N ILE A 77 25.06 0.57 -16.96
CA ILE A 77 26.12 1.01 -16.05
C ILE A 77 26.86 2.18 -16.68
N ALA A 78 27.17 3.18 -15.86
CA ALA A 78 27.93 4.34 -16.32
C ALA A 78 28.86 4.81 -15.21
N GLU A 79 29.92 5.52 -15.62
CA GLU A 79 30.87 6.05 -14.64
C GLU A 79 30.24 7.12 -13.77
N GLU A 80 29.44 8.01 -14.36
CA GLU A 80 28.79 9.09 -13.64
C GLU A 80 27.28 8.85 -13.62
N PHE A 81 26.64 9.20 -12.50
CA PHE A 81 25.21 8.96 -12.38
C PHE A 81 24.40 9.91 -13.26
N GLU A 82 24.93 11.10 -13.56
CA GLU A 82 24.23 12.01 -14.44
C GLU A 82 24.10 11.44 -15.84
N GLU A 83 25.07 10.62 -16.28
CA GLU A 83 24.96 9.96 -17.57
C GLU A 83 23.80 8.96 -17.57
N ILE A 84 23.64 8.22 -16.47
CA ILE A 84 22.51 7.31 -16.35
C ILE A 84 21.20 8.08 -16.34
N GLN A 85 21.17 9.22 -15.63
CA GLN A 85 19.99 10.06 -15.62
C GLN A 85 19.62 10.52 -17.02
N ALA A 86 20.62 10.98 -17.78
CA ALA A 86 20.37 11.46 -19.14
C ALA A 86 19.88 10.33 -20.04
N ALA A 87 20.49 9.15 -19.92
CA ALA A 87 20.05 8.02 -20.74
C ALA A 87 18.63 7.61 -20.41
N PHE A 88 18.30 7.56 -19.12
CA PHE A 88 16.95 7.17 -18.69
C PHE A 88 15.92 8.18 -19.17
N ALA A 89 16.19 9.47 -18.97
CA ALA A 89 15.27 10.50 -19.43
C ALA A 89 15.12 10.48 -20.95
N ARG A 90 16.23 10.29 -21.67
N ARG A 90 16.23 10.29 -21.67
N ARG A 90 16.23 10.29 -21.67
CA ARG A 90 16.16 10.23 -23.13
CA ARG A 90 16.16 10.23 -23.13
CA ARG A 90 16.16 10.23 -23.13
C ARG A 90 15.36 9.03 -23.60
C ARG A 90 15.36 9.03 -23.60
C ARG A 90 15.36 9.03 -23.60
N PHE A 91 15.51 7.88 -22.94
CA PHE A 91 14.72 6.72 -23.30
C PHE A 91 13.24 6.97 -23.07
N ARG A 92 12.89 7.63 -21.97
CA ARG A 92 11.48 7.92 -21.71
C ARG A 92 10.94 9.02 -22.62
N ARG A 93 11.80 9.88 -23.17
CA ARG A 93 11.35 11.06 -23.87
C ARG A 93 11.34 10.92 -25.39
N GLU A 94 12.36 10.31 -25.97
CA GLU A 94 12.58 10.36 -27.41
C GLU A 94 12.35 9.04 -28.12
N THR A 95 11.86 8.02 -27.41
CA THR A 95 11.54 6.73 -28.01
C THR A 95 10.08 6.40 -27.76
N VAL A 96 9.42 5.84 -28.79
CA VAL A 96 8.03 5.44 -28.65
C VAL A 96 7.90 4.34 -27.60
N LEU A 97 8.87 3.43 -27.54
CA LEU A 97 8.85 2.38 -26.54
C LEU A 97 8.88 2.96 -25.13
N GLY A 98 9.72 3.98 -24.91
CA GLY A 98 9.74 4.65 -23.62
C GLY A 98 8.46 5.41 -23.32
N GLN A 99 7.83 5.99 -24.36
CA GLN A 99 6.64 6.80 -24.14
C GLN A 99 5.42 5.95 -23.81
N VAL A 100 5.37 4.71 -24.29
CA VAL A 100 4.21 3.85 -24.10
C VAL A 100 4.41 2.89 -22.92
N SER A 101 5.38 3.17 -22.05
CA SER A 101 5.66 2.32 -20.89
C SER A 101 5.74 3.19 -19.64
N GLU A 102 5.36 2.60 -18.51
CA GLU A 102 5.48 3.26 -17.22
C GLU A 102 6.71 2.73 -16.49
N VAL A 103 7.29 3.57 -15.65
CA VAL A 103 8.40 3.14 -14.80
C VAL A 103 7.82 2.48 -13.56
N ALA A 104 8.11 1.18 -13.39
CA ALA A 104 7.56 0.44 -12.26
C ALA A 104 8.48 0.45 -11.05
N TRP A 105 9.80 0.44 -11.26
CA TRP A 105 10.75 0.33 -10.17
C TRP A 105 12.14 0.64 -10.70
N LEU A 106 12.93 1.34 -9.87
CA LEU A 106 14.30 1.69 -10.23
C LEU A 106 15.23 1.21 -9.14
N GLY A 107 16.23 0.42 -9.52
CA GLY A 107 17.24 -0.04 -8.58
C GLY A 107 18.60 0.56 -8.88
N ASN A 108 19.05 1.49 -8.05
CA ASN A 108 20.30 2.19 -8.26
C ASN A 108 21.35 1.71 -7.27
N SER A 109 22.61 1.74 -7.70
CA SER A 109 23.69 1.26 -6.85
C SER A 109 25.01 1.87 -7.32
N LEU A 110 25.97 1.92 -6.41
CA LEU A 110 27.31 2.43 -6.69
C LEU A 110 28.32 1.39 -6.22
N HIS A 111 29.26 1.05 -7.10
CA HIS A 111 30.18 -0.04 -6.80
C HIS A 111 31.19 0.38 -5.74
N ARG A 112 31.33 -0.45 -4.71
CA ARG A 112 32.27 -0.25 -3.62
C ARG A 112 32.91 -1.59 -3.28
N PRO A 113 34.15 -1.58 -2.78
CA PRO A 113 34.78 -2.84 -2.37
C PRO A 113 34.08 -3.45 -1.17
N ALA A 114 34.16 -4.78 -1.08
CA ALA A 114 33.52 -5.50 0.01
C ALA A 114 34.21 -5.18 1.34
N GLU A 115 33.46 -5.40 2.43
CA GLU A 115 33.96 -5.03 3.75
C GLU A 115 35.12 -5.93 4.17
N PHE A 116 34.99 -7.24 3.97
CA PHE A 116 35.97 -8.20 4.47
C PHE A 116 36.70 -8.92 3.33
N ASN A 117 35.97 -9.59 2.44
CA ASN A 117 36.58 -10.35 1.35
C ASN A 117 36.67 -9.44 0.14
N ARG A 118 37.81 -8.76 0.00
CA ARG A 118 38.01 -7.83 -1.10
C ARG A 118 38.21 -8.52 -2.45
N SER A 119 38.39 -9.84 -2.46
CA SER A 119 38.49 -10.58 -3.71
C SER A 119 37.13 -10.82 -4.34
N HIS A 120 36.04 -10.61 -3.61
CA HIS A 120 34.69 -10.77 -4.14
C HIS A 120 34.27 -9.48 -4.84
N LEU A 121 34.02 -9.58 -6.14
CA LEU A 121 33.66 -8.43 -6.94
C LEU A 121 32.42 -8.73 -7.76
N PRO A 122 31.63 -7.70 -8.11
CA PRO A 122 30.45 -7.94 -8.95
C PRO A 122 30.84 -8.50 -10.31
N SER A 123 29.95 -9.34 -10.85
CA SER A 123 30.21 -9.95 -12.15
C SER A 123 30.38 -8.91 -13.25
N PHE A 124 29.63 -7.80 -13.17
CA PHE A 124 29.76 -6.76 -14.19
C PHE A 124 31.05 -5.96 -14.02
N ILE A 125 31.58 -5.87 -12.79
CA ILE A 125 32.85 -5.19 -12.59
C ILE A 125 33.98 -5.99 -13.20
N MET A 126 33.94 -7.32 -13.07
CA MET A 126 34.96 -8.19 -13.63
C MET A 126 34.78 -8.45 -15.12
N GLY A 127 33.75 -7.89 -15.74
CA GLY A 127 33.55 -8.02 -17.17
C GLY A 127 33.21 -9.41 -17.64
N GLU A 128 32.41 -10.15 -16.87
CA GLU A 128 31.99 -11.48 -17.29
C GLU A 128 30.85 -11.39 -18.30
N ILE A 129 30.66 -12.46 -19.05
CA ILE A 129 29.56 -12.53 -20.01
C ILE A 129 28.24 -12.64 -19.25
N PRO A 130 27.26 -11.78 -19.52
CA PRO A 130 25.99 -11.86 -18.79
C PRO A 130 25.28 -13.18 -19.04
N GLY A 131 24.61 -13.67 -18.00
CA GLY A 131 23.90 -14.92 -18.08
C GLY A 131 22.58 -14.80 -18.82
N ASP A 132 22.04 -15.96 -19.20
CA ASP A 132 20.77 -15.98 -19.91
C ASP A 132 19.61 -15.59 -19.03
N TRP A 133 19.67 -15.91 -17.73
CA TRP A 133 18.61 -15.60 -16.79
C TRP A 133 19.16 -14.74 -15.67
N ILE A 134 18.35 -13.79 -15.21
CA ILE A 134 18.75 -12.90 -14.13
C ILE A 134 17.63 -12.81 -13.11
N THR A 135 18.02 -12.61 -11.85
CA THR A 135 17.10 -12.22 -10.78
C THR A 135 17.69 -11.01 -10.08
N VAL A 136 16.83 -10.05 -9.75
CA VAL A 136 17.27 -8.77 -9.18
C VAL A 136 16.35 -8.42 -8.02
N TYR A 137 16.93 -8.00 -6.91
CA TYR A 137 16.10 -7.52 -5.81
C TYR A 137 16.92 -6.61 -4.91
N PRO A 138 16.27 -5.67 -4.23
CA PRO A 138 16.97 -4.87 -3.22
C PRO A 138 17.04 -5.61 -1.90
N PHE A 139 17.86 -5.06 -1.00
CA PHE A 139 18.11 -5.72 0.28
C PHE A 139 18.33 -4.66 1.35
N VAL A 140 17.72 -4.89 2.51
CA VAL A 140 17.91 -4.04 3.69
C VAL A 140 18.25 -4.94 4.86
N ARG A 141 19.38 -4.67 5.50
CA ARG A 141 19.82 -5.47 6.64
C ARG A 141 19.09 -5.03 7.90
N SER A 142 19.28 -5.81 8.97
CA SER A 142 18.70 -5.45 10.25
C SER A 142 19.38 -4.21 10.82
N TYR A 143 18.71 -3.60 11.79
CA TYR A 143 19.20 -2.33 12.33
C TYR A 143 20.54 -2.49 13.02
N ASP A 144 20.75 -3.61 13.72
CA ASP A 144 21.96 -3.85 14.48
C ASP A 144 23.04 -4.57 13.68
N TRP A 145 22.82 -4.77 12.38
CA TRP A 145 23.75 -5.57 11.58
C TRP A 145 25.13 -4.92 11.49
N TYR A 146 25.17 -3.61 11.29
CA TYR A 146 26.45 -2.95 11.04
C TYR A 146 27.22 -2.63 12.31
N ILE A 147 26.52 -2.47 13.44
CA ILE A 147 27.21 -2.23 14.72
C ILE A 147 27.50 -3.52 15.46
N MET A 148 27.12 -4.67 14.92
CA MET A 148 27.51 -5.95 15.49
C MET A 148 29.03 -6.09 15.44
N ASP A 149 29.58 -6.78 16.44
CA ASP A 149 31.01 -7.09 16.54
C ASP A 149 31.56 -7.49 15.19
N PRO A 150 32.59 -6.78 14.69
CA PRO A 150 33.08 -7.06 13.33
C PRO A 150 33.51 -8.50 13.12
N GLN A 151 34.09 -9.15 14.11
CA GLN A 151 34.48 -10.55 13.96
C GLN A 151 33.26 -11.44 13.75
N LYS A 152 32.19 -11.20 14.52
CA LYS A 152 30.96 -11.99 14.37
C LYS A 152 30.35 -11.80 13.00
N ARG A 153 30.27 -10.55 12.54
CA ARG A 153 29.70 -10.28 11.21
C ARG A 153 30.58 -10.89 10.12
N ARG A 154 31.90 -10.82 10.28
CA ARG A 154 32.79 -11.42 9.30
C ARG A 154 32.61 -12.93 9.24
N LYS A 155 32.47 -13.58 10.39
CA LYS A 155 32.23 -15.03 10.39
C LYS A 155 30.89 -15.37 9.75
N ILE A 156 29.86 -14.58 10.05
CA ILE A 156 28.55 -14.83 9.45
C ILE A 156 28.63 -14.69 7.93
N LEU A 157 29.30 -13.64 7.45
CA LEU A 157 29.43 -13.45 6.01
C LEU A 157 30.27 -14.52 5.36
N ALA A 158 31.31 -15.00 6.06
CA ALA A 158 32.11 -16.10 5.52
C ALA A 158 31.29 -17.37 5.37
N GLU A 159 30.47 -17.69 6.38
CA GLU A 159 29.60 -18.85 6.28
C GLU A 159 28.57 -18.65 5.17
N HIS A 160 28.06 -17.43 5.04
CA HIS A 160 27.09 -17.14 3.99
C HIS A 160 27.70 -17.38 2.61
N GLY A 161 28.91 -16.88 2.40
CA GLY A 161 29.60 -17.11 1.14
C GLY A 161 29.94 -18.57 0.90
N GLN A 162 30.32 -19.28 1.96
CA GLN A 162 30.63 -20.70 1.81
C GLN A 162 29.39 -21.50 1.44
N ALA A 163 28.22 -21.07 1.89
CA ALA A 163 26.98 -21.80 1.58
C ALA A 163 26.67 -21.80 0.09
N ALA A 164 27.27 -20.90 -0.68
CA ALA A 164 27.03 -20.82 -2.11
C ALA A 164 28.14 -21.47 -2.93
N ARG A 165 28.94 -22.34 -2.32
CA ARG A 165 30.07 -22.95 -3.00
C ARG A 165 29.64 -23.96 -4.06
N ASP A 166 28.42 -24.48 -3.96
CA ASP A 166 27.93 -25.48 -4.91
C ASP A 166 27.25 -24.88 -6.12
N PHE A 167 27.26 -23.55 -6.26
CA PHE A 167 26.66 -22.87 -7.40
C PHE A 167 27.68 -21.92 -8.01
N PRO A 168 28.76 -22.44 -8.60
CA PRO A 168 29.73 -21.57 -9.25
C PRO A 168 29.23 -20.99 -10.56
N ASP A 169 28.22 -21.59 -11.18
CA ASP A 169 27.66 -21.10 -12.42
C ASP A 169 26.73 -19.91 -12.24
N VAL A 170 26.39 -19.57 -11.00
CA VAL A 170 25.55 -18.42 -10.71
C VAL A 170 26.46 -17.29 -10.26
N ARG A 171 26.50 -16.22 -11.05
CA ARG A 171 27.35 -15.07 -10.76
C ARG A 171 26.55 -14.03 -9.99
N ALA A 172 27.17 -13.50 -8.93
CA ALA A 172 26.51 -12.59 -8.00
C ALA A 172 27.04 -11.17 -8.15
N ASN A 173 26.14 -10.21 -8.05
CA ASN A 173 26.46 -8.79 -8.03
C ASN A 173 25.82 -8.20 -6.78
N THR A 174 26.65 -7.80 -5.82
CA THR A 174 26.19 -7.21 -4.57
C THR A 174 26.74 -5.80 -4.50
N VAL A 175 25.88 -4.81 -4.68
CA VAL A 175 26.35 -3.42 -4.81
C VAL A 175 25.70 -2.55 -3.74
N PRO A 176 26.46 -1.68 -3.08
CA PRO A 176 25.83 -0.76 -2.12
C PRO A 176 24.83 0.16 -2.80
N ALA A 177 23.73 0.45 -2.10
CA ALA A 177 22.66 1.27 -2.65
C ALA A 177 22.20 2.35 -1.68
N PHE A 178 23.03 2.71 -0.70
CA PHE A 178 22.65 3.71 0.28
C PHE A 178 22.45 5.07 -0.39
N ALA A 179 21.39 5.77 0.04
CA ALA A 179 21.01 7.11 -0.41
C ALA A 179 20.64 7.20 -1.88
N LEU A 180 20.62 6.06 -2.59
CA LEU A 180 20.15 6.03 -3.97
C LEU A 180 18.74 5.49 -4.08
N GLY A 181 18.04 5.38 -2.96
CA GLY A 181 16.70 4.80 -2.93
C GLY A 181 16.34 4.44 -1.51
N ASP A 182 15.36 3.54 -1.40
CA ASP A 182 14.84 3.12 -0.11
C ASP A 182 15.60 1.94 0.48
N TYR A 183 16.69 1.51 -0.15
CA TYR A 183 17.33 0.25 0.17
C TYR A 183 18.80 0.47 0.49
N GLU A 184 19.42 -0.59 1.02
CA GLU A 184 20.84 -0.57 1.39
C GLU A 184 21.73 -1.29 0.39
N TRP A 185 21.24 -2.35 -0.23
CA TRP A 185 22.02 -3.10 -1.20
C TRP A 185 21.15 -3.47 -2.39
N MET A 186 21.81 -3.67 -3.53
CA MET A 186 21.17 -4.18 -4.74
C MET A 186 21.84 -5.49 -5.11
N LEU A 187 21.04 -6.55 -5.29
CA LEU A 187 21.57 -7.88 -5.56
C LEU A 187 21.05 -8.37 -6.90
N ALA A 188 21.95 -8.88 -7.72
CA ALA A 188 21.60 -9.42 -9.03
C ALA A 188 22.35 -10.72 -9.25
N PHE A 189 21.62 -11.78 -9.60
CA PHE A 189 22.20 -13.09 -9.84
C PHE A 189 21.93 -13.50 -11.28
N GLU A 190 23.00 -13.87 -11.98
CA GLU A 190 22.92 -14.27 -13.39
C GLU A 190 23.33 -15.73 -13.51
N ALA A 191 22.54 -16.50 -14.27
CA ALA A 191 22.83 -17.92 -14.43
C ALA A 191 22.32 -18.38 -15.79
N PRO A 192 22.97 -19.39 -16.38
CA PRO A 192 22.45 -19.93 -17.64
CA PRO A 192 22.45 -19.93 -17.64
C PRO A 192 21.06 -20.52 -17.52
N ARG A 193 20.70 -21.06 -16.37
N ARG A 193 20.70 -21.05 -16.36
CA ARG A 193 19.40 -21.69 -16.15
CA ARG A 193 19.41 -21.70 -16.16
C ARG A 193 18.71 -21.05 -14.97
C ARG A 193 18.71 -21.05 -14.96
N LEU A 194 17.38 -20.90 -15.08
CA LEU A 194 16.61 -20.31 -13.99
C LEU A 194 16.55 -21.24 -12.79
N ASP A 195 16.49 -22.55 -13.02
CA ASP A 195 16.41 -23.51 -11.92
C ASP A 195 17.63 -23.43 -11.02
N ARG A 196 18.79 -23.09 -11.59
CA ARG A 196 19.99 -22.90 -10.77
C ARG A 196 19.80 -21.72 -9.82
N ILE A 197 19.22 -20.62 -10.29
CA ILE A 197 18.94 -19.49 -9.42
C ILE A 197 17.96 -19.87 -8.33
N VAL A 198 16.91 -20.61 -8.70
CA VAL A 198 15.92 -21.02 -7.71
C VAL A 198 16.55 -21.91 -6.64
N ASP A 199 17.38 -22.87 -7.07
CA ASP A 199 18.04 -23.76 -6.11
C ASP A 199 19.01 -23.01 -5.23
N LEU A 200 19.75 -22.05 -5.79
CA LEU A 200 20.67 -21.25 -4.98
C LEU A 200 19.91 -20.44 -3.93
N MET A 201 18.79 -19.83 -4.33
CA MET A 201 18.00 -19.06 -3.38
C MET A 201 17.43 -19.95 -2.29
N HIS A 202 16.99 -21.15 -2.64
CA HIS A 202 16.51 -22.09 -1.63
C HIS A 202 17.62 -22.49 -0.67
N LYS A 203 18.80 -22.78 -1.20
CA LYS A 203 19.92 -23.23 -0.37
C LYS A 203 20.40 -22.12 0.55
N MET A 204 20.37 -20.88 0.07
CA MET A 204 20.90 -19.77 0.85
C MET A 204 20.04 -19.43 2.06
N ARG A 205 18.83 -20.00 2.17
CA ARG A 205 18.01 -19.79 3.35
C ARG A 205 18.60 -20.48 4.58
N TYR A 206 19.51 -21.42 4.39
CA TYR A 206 20.11 -22.17 5.51
C TYR A 206 21.38 -21.50 6.00
N THR A 207 21.30 -20.19 6.29
CA THR A 207 22.45 -19.43 6.74
C THR A 207 22.05 -18.56 7.93
N GLU A 208 23.03 -18.28 8.80
CA GLU A 208 22.77 -17.42 9.95
C GLU A 208 22.44 -16.00 9.52
N ALA A 209 22.93 -15.57 8.35
CA ALA A 209 22.66 -14.22 7.87
C ALA A 209 21.18 -13.96 7.69
N ARG A 210 20.38 -15.01 7.48
CA ARG A 210 18.94 -14.84 7.36
C ARG A 210 18.32 -14.26 8.64
N LEU A 211 19.02 -14.34 9.76
CA LEU A 211 18.53 -13.74 11.00
C LEU A 211 18.65 -12.22 11.01
N HIS A 212 19.30 -11.62 10.02
CA HIS A 212 19.56 -10.19 10.00
C HIS A 212 19.05 -9.56 8.72
N VAL A 213 17.81 -9.87 8.36
CA VAL A 213 17.18 -9.38 7.14
C VAL A 213 15.94 -8.58 7.51
N ARG A 214 15.76 -7.43 6.88
CA ARG A 214 14.59 -6.59 7.07
C ARG A 214 13.71 -6.47 5.83
N GLU A 215 14.30 -6.40 4.65
CA GLU A 215 13.54 -6.24 3.42
C GLU A 215 14.33 -6.82 2.26
N GLU A 216 13.67 -7.65 1.45
CA GLU A 216 14.31 -8.26 0.29
C GLU A 216 13.37 -8.33 -0.91
N THR A 217 12.39 -7.44 -0.98
CA THR A 217 11.39 -7.42 -2.03
C THR A 217 11.32 -6.01 -2.61
N PRO A 218 10.83 -5.86 -3.85
CA PRO A 218 10.32 -6.89 -4.78
C PRO A 218 11.40 -7.64 -5.56
N PHE A 219 11.03 -8.80 -6.11
CA PHE A 219 11.90 -9.59 -6.97
C PHE A 219 11.56 -9.33 -8.43
N PHE A 220 12.58 -9.37 -9.29
CA PHE A 220 12.40 -9.25 -10.73
C PHE A 220 13.24 -10.33 -11.40
N THR A 221 12.57 -11.30 -12.01
CA THR A 221 13.22 -12.41 -12.67
C THR A 221 12.95 -12.34 -14.17
N GLY A 222 14.02 -12.42 -14.97
CA GLY A 222 13.87 -12.22 -16.39
C GLY A 222 14.87 -12.99 -17.22
N ARG A 223 14.58 -13.07 -18.51
CA ARG A 223 15.42 -13.73 -19.50
C ARG A 223 16.05 -12.67 -20.40
N ARG A 224 17.37 -12.77 -20.58
CA ARG A 224 18.07 -11.82 -21.43
CA ARG A 224 18.07 -11.82 -21.43
C ARG A 224 17.71 -12.04 -22.89
N VAL A 225 17.46 -10.94 -23.60
CA VAL A 225 17.14 -10.98 -25.02
C VAL A 225 18.35 -10.51 -25.81
N SER A 226 18.52 -11.09 -27.00
CA SER A 226 19.67 -10.75 -27.83
C SER A 226 19.55 -9.33 -28.40
N GLU A 227 18.33 -8.92 -28.73
CA GLU A 227 18.11 -7.59 -29.31
C GLU A 227 16.74 -7.09 -28.87
N VAL A 228 16.56 -5.76 -28.99
CA VAL A 228 15.34 -5.14 -28.52
C VAL A 228 14.12 -5.54 -29.34
N SER A 229 14.31 -6.01 -30.57
CA SER A 229 13.18 -6.46 -31.38
C SER A 229 12.50 -7.66 -30.74
N GLU A 230 13.29 -8.59 -30.20
CA GLU A 230 12.72 -9.76 -29.53
C GLU A 230 11.85 -9.36 -28.35
N LEU A 231 12.26 -8.32 -27.62
CA LEU A 231 11.46 -7.84 -26.51
C LEU A 231 10.20 -7.13 -26.99
N VAL A 232 10.34 -6.26 -27.99
CA VAL A 232 9.20 -5.45 -28.43
C VAL A 232 8.12 -6.33 -29.05
N ASN A 233 8.52 -7.39 -29.76
CA ASN A 233 7.54 -8.21 -30.46
C ASN A 233 6.67 -9.04 -29.53
N VAL A 234 7.01 -9.13 -28.24
CA VAL A 234 6.22 -9.92 -27.30
C VAL A 234 5.43 -9.06 -26.32
N LEU A 235 5.61 -7.74 -26.32
CA LEU A 235 4.91 -6.89 -25.38
C LEU A 235 3.42 -6.85 -25.72
N PRO A 236 2.56 -6.73 -24.70
CA PRO A 236 1.11 -6.69 -24.96
C PRO A 236 0.69 -5.35 -25.55
N GLY A 237 -0.50 -5.38 -26.15
CA GLY A 237 -1.09 -4.17 -26.69
C GLY A 237 -0.37 -3.62 -27.91
N ASN B 8 24.36 36.32 16.83
CA ASN B 8 24.61 35.49 15.65
C ASN B 8 23.99 34.11 15.79
N PHE B 9 24.67 33.24 16.55
CA PHE B 9 24.17 31.88 16.73
C PHE B 9 22.83 31.86 17.47
N GLU B 10 22.68 32.74 18.46
CA GLU B 10 21.39 32.83 19.15
C GLU B 10 20.29 33.27 18.20
N GLU B 11 20.59 34.26 17.35
CA GLU B 11 19.59 34.72 16.37
C GLU B 11 19.27 33.63 15.36
N LEU B 12 20.29 32.87 14.92
CA LEU B 12 20.04 31.79 13.98
C LEU B 12 19.22 30.67 14.62
N ASN B 13 19.42 30.43 15.92
CA ASN B 13 18.63 29.43 16.62
C ASN B 13 17.23 29.93 16.96
N SER B 14 17.01 31.24 16.97
CA SER B 14 15.71 31.80 17.33
C SER B 14 14.86 32.17 16.12
N MET B 15 15.44 32.24 14.92
CA MET B 15 14.67 32.64 13.75
C MET B 15 13.67 31.55 13.36
N GLN B 16 12.56 31.98 12.77
CA GLN B 16 11.50 31.08 12.34
C GLN B 16 11.59 30.90 10.84
N ARG B 17 11.71 29.64 10.40
CA ARG B 17 11.85 29.34 8.98
C ARG B 17 11.16 28.00 8.70
N TYR B 18 10.07 28.05 7.94
CA TYR B 18 9.47 26.85 7.39
C TYR B 18 10.15 26.47 6.10
N SER B 19 10.38 25.17 5.91
CA SER B 19 11.03 24.66 4.71
C SER B 19 10.15 23.57 4.11
N GLN B 20 10.14 23.49 2.78
CA GLN B 20 9.33 22.48 2.10
C GLN B 20 10.08 21.90 0.92
N PHE B 21 10.07 20.57 0.84
CA PHE B 21 10.48 19.81 -0.35
C PHE B 21 9.21 19.34 -1.04
N ALA B 22 8.87 19.96 -2.16
CA ALA B 22 7.72 19.58 -2.96
C ALA B 22 8.20 18.70 -4.11
N VAL B 23 7.84 17.43 -4.07
CA VAL B 23 8.26 16.45 -5.07
C VAL B 23 7.13 16.26 -6.07
N PHE B 24 7.46 16.38 -7.35
CA PHE B 24 6.47 16.28 -8.42
C PHE B 24 6.84 15.18 -9.40
N ARG B 25 5.82 14.52 -9.92
N ARG B 25 5.83 14.52 -9.93
CA ARG B 25 5.96 13.46 -10.92
CA ARG B 25 5.96 13.46 -10.92
C ARG B 25 5.36 13.95 -12.23
C ARG B 25 5.36 13.94 -12.23
N ALA B 26 6.08 13.73 -13.33
CA ALA B 26 5.60 14.14 -14.63
C ALA B 26 4.56 13.17 -15.16
N ILE B 27 3.51 13.70 -15.76
CA ILE B 27 2.46 12.89 -16.39
C ILE B 27 2.83 12.70 -17.85
N PRO B 28 3.13 11.49 -18.30
CA PRO B 28 3.50 11.28 -19.70
C PRO B 28 2.39 11.69 -20.65
N GLY B 29 2.78 12.29 -21.77
CA GLY B 29 1.85 12.73 -22.78
C GLY B 29 1.19 14.07 -22.52
N ALA B 30 1.54 14.75 -21.43
CA ALA B 30 0.91 16.02 -21.08
C ALA B 30 1.77 17.23 -21.38
N LEU B 31 3.09 17.11 -21.27
CA LEU B 31 3.96 18.27 -21.46
C LEU B 31 4.07 18.64 -22.94
N GLY B 32 4.12 17.65 -23.82
CA GLY B 32 4.27 17.90 -25.23
C GLY B 32 5.72 18.12 -25.64
N SER B 33 5.90 18.48 -26.90
CA SER B 33 7.23 18.67 -27.47
C SER B 33 7.64 20.13 -27.57
N ASP B 34 6.69 21.04 -27.71
CA ASP B 34 6.99 22.48 -27.76
C ASP B 34 6.94 23.02 -26.33
N ARG B 35 8.09 23.39 -25.79
CA ARG B 35 8.21 23.73 -24.37
C ARG B 35 8.82 25.10 -24.13
N ALA B 36 8.99 25.92 -25.17
CA ALA B 36 9.60 27.24 -24.98
C ALA B 36 8.70 28.13 -24.12
N GLU B 37 7.41 28.17 -24.45
CA GLU B 37 6.50 29.03 -23.69
C GLU B 37 6.31 28.51 -22.26
N ILE B 38 6.31 27.19 -22.09
CA ILE B 38 6.21 26.62 -20.74
C ILE B 38 7.43 27.00 -19.92
N VAL B 39 8.62 26.93 -20.52
CA VAL B 39 9.84 27.32 -19.83
C VAL B 39 9.78 28.79 -19.45
N ALA B 40 9.33 29.64 -20.38
CA ALA B 40 9.25 31.07 -20.10
C ALA B 40 8.28 31.36 -18.96
N GLN B 41 7.13 30.69 -18.97
CA GLN B 41 6.14 30.92 -17.92
C GLN B 41 6.65 30.46 -16.55
N ALA B 42 7.30 29.30 -16.51
CA ALA B 42 7.85 28.81 -15.24
C ALA B 42 8.95 29.73 -14.72
N GLN B 43 9.82 30.20 -15.62
CA GLN B 43 10.88 31.11 -15.22
C GLN B 43 10.30 32.43 -14.71
N SER B 44 9.25 32.91 -15.36
CA SER B 44 8.60 34.14 -14.89
C SER B 44 7.97 33.94 -13.52
N PHE B 45 7.36 32.77 -13.29
CA PHE B 45 6.80 32.47 -11.98
C PHE B 45 7.86 32.49 -10.90
N PHE B 46 9.00 31.85 -11.17
CA PHE B 46 10.07 31.82 -10.16
C PHE B 46 10.70 33.20 -9.97
N ASP B 47 10.82 33.98 -11.05
CA ASP B 47 11.32 35.34 -10.91
C ASP B 47 10.38 36.20 -10.08
N GLY B 48 9.07 36.04 -10.28
CA GLY B 48 8.11 36.75 -9.44
C GLY B 48 8.18 36.33 -7.99
N LEU B 49 8.39 35.03 -7.74
CA LEU B 49 8.59 34.56 -6.37
C LEU B 49 9.81 35.21 -5.74
N GLU B 50 10.92 35.29 -6.49
CA GLU B 50 12.12 35.93 -5.97
C GLU B 50 11.89 37.41 -5.71
N THR B 51 11.18 38.09 -6.62
CA THR B 51 10.94 39.52 -6.46
C THR B 51 10.06 39.81 -5.25
N ALA B 52 9.04 38.97 -5.01
CA ALA B 52 8.15 39.20 -3.89
C ALA B 52 8.90 39.19 -2.56
N GLY B 53 9.91 38.33 -2.44
CA GLY B 53 10.77 38.32 -1.28
C GLY B 53 10.24 37.58 -0.07
N LYS B 54 9.13 36.86 -0.20
CA LYS B 54 8.60 36.10 0.91
C LYS B 54 9.06 34.65 0.90
N VAL B 55 9.02 34.00 -0.26
CA VAL B 55 9.41 32.61 -0.41
C VAL B 55 10.74 32.57 -1.15
N GLU B 56 11.74 31.93 -0.53
CA GLU B 56 13.06 31.78 -1.14
C GLU B 56 13.20 30.37 -1.68
N VAL B 57 13.34 30.25 -3.00
CA VAL B 57 13.53 28.95 -3.64
C VAL B 57 14.98 28.55 -3.44
N ARG B 58 15.22 27.64 -2.50
CA ARG B 58 16.58 27.18 -2.27
C ARG B 58 17.12 26.41 -3.46
N GLY B 59 16.29 25.58 -4.08
CA GLY B 59 16.79 24.82 -5.21
C GLY B 59 15.69 24.14 -5.99
N ILE B 60 16.02 23.80 -7.23
CA ILE B 60 15.21 22.95 -8.09
C ILE B 60 16.07 21.78 -8.52
N TYR B 61 15.58 20.56 -8.30
CA TYR B 61 16.39 19.36 -8.44
C TYR B 61 15.73 18.39 -9.41
N ASP B 62 16.56 17.78 -10.26
CA ASP B 62 16.12 16.77 -11.20
C ASP B 62 16.22 15.39 -10.56
N LEU B 63 15.08 14.74 -10.36
CA LEU B 63 15.02 13.44 -9.69
C LEU B 63 14.92 12.28 -10.67
N ALA B 64 15.15 12.51 -11.95
CA ALA B 64 15.03 11.44 -12.94
C ALA B 64 16.01 10.31 -12.63
N GLY B 65 15.50 9.08 -12.64
CA GLY B 65 16.30 7.92 -12.36
C GLY B 65 16.44 7.55 -10.90
N CYS B 66 15.91 8.38 -9.99
CA CYS B 66 16.01 8.06 -8.57
C CYS B 66 14.97 7.03 -8.15
N ARG B 67 13.70 7.29 -8.43
CA ARG B 67 12.63 6.36 -8.10
C ARG B 67 11.51 6.52 -9.11
N ALA B 68 10.63 5.52 -9.15
CA ALA B 68 9.63 5.45 -10.20
C ALA B 68 8.59 6.56 -10.09
N GLU B 69 8.29 7.03 -8.88
CA GLU B 69 7.16 7.92 -8.66
C GLU B 69 7.55 9.39 -8.53
N ALA B 70 8.79 9.75 -8.87
CA ALA B 70 9.25 11.12 -8.73
C ALA B 70 9.98 11.56 -9.99
N ASP B 71 9.83 12.84 -10.32
CA ASP B 71 10.49 13.40 -11.49
C ASP B 71 11.31 14.65 -11.21
N PHE B 72 10.84 15.52 -10.32
CA PHE B 72 11.65 16.67 -9.92
C PHE B 72 11.20 17.14 -8.55
N MET B 73 11.95 18.10 -8.01
CA MET B 73 11.71 18.55 -6.64
C MET B 73 12.02 20.04 -6.53
N ILE B 74 11.23 20.74 -5.72
CA ILE B 74 11.44 22.14 -5.41
C ILE B 74 11.66 22.27 -3.91
N TRP B 75 12.80 22.82 -3.51
CA TRP B 75 13.10 23.10 -2.12
C TRP B 75 12.98 24.60 -1.93
N TRP B 76 11.99 25.03 -1.14
CA TRP B 76 11.81 26.45 -0.87
C TRP B 76 11.48 26.69 0.60
N ILE B 77 11.85 27.89 1.06
CA ILE B 77 11.81 28.24 2.47
C ILE B 77 11.14 29.60 2.61
N ALA B 78 10.28 29.73 3.62
CA ALA B 78 9.61 31.00 3.90
C ALA B 78 9.44 31.17 5.40
N GLU B 79 9.32 32.44 5.82
CA GLU B 79 9.14 32.72 7.24
C GLU B 79 7.81 32.18 7.75
N GLU B 80 6.74 32.33 6.97
CA GLU B 80 5.42 31.87 7.36
C GLU B 80 4.99 30.72 6.45
N PHE B 81 4.30 29.74 7.03
CA PHE B 81 3.83 28.61 6.24
C PHE B 81 2.72 28.99 5.28
N GLU B 82 1.98 30.07 5.56
CA GLU B 82 0.98 30.56 4.63
C GLU B 82 1.61 30.95 3.30
N GLU B 83 2.80 31.55 3.35
CA GLU B 83 3.49 31.93 2.12
C GLU B 83 3.88 30.70 1.30
N ILE B 84 4.34 29.64 1.97
CA ILE B 84 4.66 28.41 1.28
C ILE B 84 3.41 27.79 0.67
N GLN B 85 2.30 27.81 1.41
CA GLN B 85 1.04 27.30 0.89
C GLN B 85 0.62 28.07 -0.37
N ALA B 86 0.72 29.40 -0.31
CA ALA B 86 0.33 30.22 -1.45
C ALA B 86 1.23 29.96 -2.65
N ALA B 87 2.53 29.84 -2.42
CA ALA B 87 3.45 29.58 -3.53
C ALA B 87 3.18 28.22 -4.15
N PHE B 88 2.96 27.20 -3.32
CA PHE B 88 2.69 25.85 -3.83
C PHE B 88 1.39 25.82 -4.63
N ALA B 89 0.33 26.40 -4.08
CA ALA B 89 -0.94 26.45 -4.79
C ALA B 89 -0.83 27.23 -6.09
N ARG B 90 -0.13 28.37 -6.06
N ARG B 90 -0.13 28.37 -6.06
N ARG B 90 -0.13 28.37 -6.06
CA ARG B 90 0.04 29.17 -7.27
CA ARG B 90 0.04 29.17 -7.27
CA ARG B 90 0.04 29.17 -7.27
C ARG B 90 0.84 28.43 -8.33
C ARG B 90 0.84 28.43 -8.33
C ARG B 90 0.84 28.43 -8.33
N PHE B 91 1.87 27.69 -7.92
CA PHE B 91 2.63 26.90 -8.87
C PHE B 91 1.76 25.82 -9.50
N ARG B 92 0.92 25.17 -8.70
CA ARG B 92 0.03 24.15 -9.27
C ARG B 92 -1.08 24.75 -10.11
N ARG B 93 -1.46 26.00 -9.88
CA ARG B 93 -2.65 26.58 -10.49
C ARG B 93 -2.36 27.43 -11.73
N GLU B 94 -1.30 28.23 -11.73
CA GLU B 94 -1.11 29.26 -12.74
C GLU B 94 0.06 28.98 -13.68
N THR B 95 0.69 27.82 -13.56
CA THR B 95 1.79 27.44 -14.45
C THR B 95 1.44 26.14 -15.16
N VAL B 96 1.77 26.07 -16.46
CA VAL B 96 1.52 24.85 -17.22
C VAL B 96 2.34 23.69 -16.64
N LEU B 97 3.57 23.99 -16.20
CA LEU B 97 4.40 22.94 -15.60
C LEU B 97 3.74 22.38 -14.34
N GLY B 98 3.14 23.24 -13.52
CA GLY B 98 2.41 22.76 -12.36
C GLY B 98 1.16 22.00 -12.72
N GLN B 99 0.49 22.39 -13.80
CA GLN B 99 -0.78 21.75 -14.17
C GLN B 99 -0.56 20.37 -14.77
N VAL B 100 0.58 20.14 -15.42
CA VAL B 100 0.85 18.87 -16.08
C VAL B 100 1.67 17.93 -15.19
N SER B 101 1.75 18.23 -13.89
CA SER B 101 2.52 17.41 -12.95
C SER B 101 1.63 17.04 -11.77
N GLU B 102 1.90 15.87 -11.21
CA GLU B 102 1.22 15.39 -10.01
C GLU B 102 2.12 15.61 -8.80
N VAL B 103 1.50 15.84 -7.65
CA VAL B 103 2.25 15.95 -6.40
C VAL B 103 2.48 14.55 -5.87
N ALA B 104 3.75 14.16 -5.77
CA ALA B 104 4.08 12.81 -5.31
C ALA B 104 4.32 12.74 -3.81
N TRP B 105 4.97 13.75 -3.25
CA TRP B 105 5.33 13.73 -1.84
C TRP B 105 5.70 15.14 -1.40
N LEU B 106 5.32 15.49 -0.17
CA LEU B 106 5.61 16.80 0.40
C LEU B 106 6.33 16.60 1.73
N GLY B 107 7.50 17.21 1.87
CA GLY B 107 8.22 17.18 3.11
C GLY B 107 8.30 18.54 3.75
N ASN B 108 7.56 18.74 4.85
CA ASN B 108 7.48 20.02 5.53
C ASN B 108 8.26 19.96 6.84
N SER B 109 8.81 21.10 7.23
CA SER B 109 9.60 21.17 8.45
C SER B 109 9.66 22.61 8.93
N LEU B 110 9.91 22.76 10.23
CA LEU B 110 10.03 24.07 10.87
C LEU B 110 11.33 24.10 11.65
N HIS B 111 12.14 25.13 11.42
CA HIS B 111 13.47 25.18 12.00
C HIS B 111 13.40 25.42 13.50
N ARG B 112 14.13 24.60 14.25
CA ARG B 112 14.23 24.68 15.70
C ARG B 112 15.66 24.39 16.11
N PRO B 113 16.10 24.94 17.25
CA PRO B 113 17.46 24.64 17.71
C PRO B 113 17.60 23.19 18.15
N ALA B 114 18.82 22.68 18.06
CA ALA B 114 19.08 21.30 18.43
C ALA B 114 18.94 21.12 19.94
N GLU B 115 18.75 19.86 20.35
CA GLU B 115 18.49 19.56 21.75
C GLU B 115 19.73 19.78 22.61
N PHE B 116 20.88 19.27 22.17
CA PHE B 116 22.10 19.35 22.96
C PHE B 116 23.17 20.22 22.30
N ASN B 117 23.56 19.90 21.06
CA ASN B 117 24.61 20.65 20.37
C ASN B 117 23.95 21.81 19.64
N ARG B 118 23.84 22.95 20.33
CA ARG B 118 23.19 24.12 19.75
C ARG B 118 24.04 24.79 18.68
N SER B 119 25.30 24.40 18.54
CA SER B 119 26.13 24.94 17.45
C SER B 119 25.85 24.26 16.12
N HIS B 120 25.15 23.12 16.13
CA HIS B 120 24.79 22.45 14.88
C HIS B 120 23.55 23.12 14.30
N LEU B 121 23.66 23.62 13.08
CA LEU B 121 22.58 24.34 12.43
C LEU B 121 22.39 23.84 11.02
N PRO B 122 21.17 23.93 10.48
CA PRO B 122 20.94 23.51 9.10
C PRO B 122 21.74 24.34 8.12
N SER B 123 22.13 23.70 7.01
CA SER B 123 22.94 24.38 6.00
C SER B 123 22.20 25.57 5.41
N PHE B 124 20.88 25.46 5.25
CA PHE B 124 20.12 26.58 4.71
C PHE B 124 19.95 27.71 5.72
N ILE B 125 20.00 27.39 7.01
CA ILE B 125 19.97 28.44 8.02
C ILE B 125 21.27 29.23 8.02
N MET B 126 22.40 28.54 7.85
CA MET B 126 23.69 29.20 7.77
C MET B 126 23.89 29.97 6.47
N GLY B 127 22.99 29.82 5.50
CA GLY B 127 23.13 30.49 4.22
C GLY B 127 24.30 30.00 3.39
N GLU B 128 24.59 28.70 3.46
CA GLU B 128 25.67 28.14 2.65
C GLU B 128 25.21 27.95 1.21
N ILE B 129 26.18 27.82 0.32
CA ILE B 129 25.87 27.58 -1.10
C ILE B 129 25.33 26.16 -1.25
N PRO B 130 24.16 25.99 -1.89
CA PRO B 130 23.62 24.63 -2.05
C PRO B 130 24.55 23.76 -2.88
N GLY B 131 24.60 22.47 -2.52
CA GLY B 131 25.44 21.54 -3.22
C GLY B 131 24.85 21.10 -4.55
N ASP B 132 25.72 20.50 -5.37
CA ASP B 132 25.27 20.03 -6.69
C ASP B 132 24.33 18.84 -6.58
N TRP B 133 24.50 18.00 -5.57
CA TRP B 133 23.67 16.82 -5.38
C TRP B 133 23.01 16.88 -4.01
N ILE B 134 21.77 16.41 -3.94
CA ILE B 134 21.03 16.40 -2.68
C ILE B 134 20.35 15.05 -2.50
N THR B 135 20.20 14.66 -1.25
CA THR B 135 19.34 13.55 -0.86
C THR B 135 18.42 14.03 0.26
N VAL B 136 17.15 13.63 0.20
CA VAL B 136 16.13 14.10 1.13
C VAL B 136 15.31 12.90 1.57
N TYR B 137 15.06 12.80 2.88
CA TYR B 137 14.17 11.76 3.37
C TYR B 137 13.59 12.17 4.71
N PRO B 138 12.41 11.70 5.06
CA PRO B 138 11.87 11.90 6.40
C PRO B 138 12.43 10.87 7.37
N PHE B 139 12.19 11.12 8.65
CA PHE B 139 12.75 10.28 9.70
C PHE B 139 11.78 10.22 10.87
N VAL B 140 11.60 9.02 11.40
CA VAL B 140 10.80 8.79 12.59
C VAL B 140 11.63 7.97 13.56
N ARG B 141 11.81 8.48 14.79
CA ARG B 141 12.58 7.78 15.79
C ARG B 141 11.74 6.70 16.46
N SER B 142 12.41 5.88 17.27
CA SER B 142 11.71 4.85 18.03
C SER B 142 10.81 5.49 19.08
N TYR B 143 9.86 4.70 19.59
CA TYR B 143 8.88 5.21 20.52
C TYR B 143 9.51 5.68 21.82
N ASP B 144 10.53 4.96 22.29
CA ASP B 144 11.17 5.27 23.57
C ASP B 144 12.37 6.20 23.42
N TRP B 145 12.60 6.74 22.22
CA TRP B 145 13.80 7.54 21.99
C TRP B 145 13.80 8.81 22.82
N TYR B 146 12.66 9.49 22.90
CA TYR B 146 12.62 10.79 23.56
C TYR B 146 12.51 10.70 25.08
N ILE B 147 11.98 9.60 25.61
CA ILE B 147 11.92 9.42 27.06
C ILE B 147 13.13 8.69 27.59
N MET B 148 14.07 8.31 26.73
CA MET B 148 15.33 7.74 27.17
C MET B 148 16.10 8.76 28.02
N ASP B 149 16.87 8.25 28.98
CA ASP B 149 17.73 9.04 29.85
C ASP B 149 18.46 10.11 29.02
N PRO B 150 18.29 11.39 29.36
CA PRO B 150 18.88 12.45 28.52
C PRO B 150 20.38 12.32 28.33
N GLN B 151 21.12 11.86 29.35
CA GLN B 151 22.55 11.68 29.19
C GLN B 151 22.86 10.59 28.17
N LYS B 152 22.12 9.48 28.21
CA LYS B 152 22.35 8.40 27.26
C LYS B 152 22.05 8.84 25.83
N ARG B 153 20.93 9.54 25.63
CA ARG B 153 20.59 10.03 24.31
C ARG B 153 21.62 11.06 23.83
N ARG B 154 22.09 11.91 24.74
CA ARG B 154 23.09 12.91 24.38
C ARG B 154 24.39 12.24 23.95
N LYS B 155 24.82 11.20 24.67
CA LYS B 155 26.03 10.47 24.28
C LYS B 155 25.85 9.77 22.94
N ILE B 156 24.68 9.17 22.72
CA ILE B 156 24.40 8.50 21.45
C ILE B 156 24.46 9.51 20.31
N LEU B 157 23.85 10.68 20.49
CA LEU B 157 23.87 11.69 19.45
C LEU B 157 25.26 12.25 19.23
N ALA B 158 26.05 12.38 20.29
CA ALA B 158 27.43 12.84 20.15
C ALA B 158 28.25 11.86 19.32
N GLU B 159 28.11 10.56 19.60
CA GLU B 159 28.83 9.55 18.82
C GLU B 159 28.35 9.56 17.39
N HIS B 160 27.03 9.75 17.18
CA HIS B 160 26.45 9.79 15.84
C HIS B 160 27.09 10.91 15.04
N GLY B 161 27.11 12.13 15.61
CA GLY B 161 27.73 13.26 14.94
C GLY B 161 29.18 13.01 14.66
N GLN B 162 29.90 12.46 15.67
CA GLN B 162 31.32 12.22 15.50
C GLN B 162 31.59 11.23 14.37
N ALA B 163 30.67 10.30 14.13
CA ALA B 163 30.85 9.32 13.06
C ALA B 163 30.89 9.97 11.68
N ALA B 164 30.39 11.20 11.55
CA ALA B 164 30.41 11.91 10.29
C ALA B 164 31.56 12.92 10.19
N ARG B 165 32.63 12.70 10.97
CA ARG B 165 33.74 13.65 10.98
C ARG B 165 34.53 13.64 9.69
N ASP B 166 34.46 12.57 8.91
CA ASP B 166 35.26 12.42 7.70
C ASP B 166 34.55 12.94 6.46
N PHE B 167 33.39 13.57 6.61
CA PHE B 167 32.63 14.11 5.49
C PHE B 167 32.27 15.57 5.76
N PRO B 168 33.28 16.45 5.82
CA PRO B 168 32.98 17.88 6.00
C PRO B 168 32.37 18.52 4.75
N ASP B 169 32.54 17.90 3.59
CA ASP B 169 31.99 18.43 2.34
C ASP B 169 30.51 18.12 2.17
N VAL B 170 29.94 17.28 3.03
CA VAL B 170 28.51 16.96 2.98
C VAL B 170 27.83 17.77 4.07
N ARG B 171 26.97 18.70 3.66
CA ARG B 171 26.27 19.57 4.59
C ARG B 171 24.92 18.95 4.93
N ALA B 172 24.58 18.94 6.22
CA ALA B 172 23.40 18.29 6.73
C ALA B 172 22.36 19.32 7.15
N ASN B 173 21.09 19.00 6.91
CA ASN B 173 19.95 19.79 7.35
C ASN B 173 19.00 18.86 8.06
N THR B 174 18.93 18.98 9.38
CA THR B 174 18.05 18.16 10.22
C THR B 174 17.01 19.10 10.84
N VAL B 175 15.77 19.01 10.38
CA VAL B 175 14.77 19.98 10.80
C VAL B 175 13.58 19.25 11.41
N PRO B 176 13.03 19.71 12.53
CA PRO B 176 11.84 19.08 13.09
C PRO B 176 10.67 19.14 12.12
N ALA B 177 9.87 18.06 12.11
CA ALA B 177 8.74 17.96 11.19
C ALA B 177 7.47 17.50 11.89
N PHE B 178 7.39 17.66 13.21
CA PHE B 178 6.22 17.21 13.96
C PHE B 178 4.98 18.00 13.55
N ALA B 179 3.86 17.28 13.41
CA ALA B 179 2.54 17.82 13.08
C ALA B 179 2.45 18.47 11.70
N LEU B 180 3.53 18.42 10.93
CA LEU B 180 3.51 18.91 9.55
C LEU B 180 3.42 17.76 8.54
N GLY B 181 3.08 16.56 9.02
CA GLY B 181 3.05 15.39 8.17
C GLY B 181 3.06 14.15 9.04
N ASP B 182 3.43 13.03 8.41
CA ASP B 182 3.44 11.74 9.07
C ASP B 182 4.77 11.44 9.77
N TYR B 183 5.69 12.40 9.79
CA TYR B 183 7.06 12.15 10.22
C TYR B 183 7.47 13.09 11.35
N GLU B 184 8.64 12.81 11.91
CA GLU B 184 9.18 13.59 13.02
C GLU B 184 10.30 14.52 12.61
N TRP B 185 11.13 14.13 11.65
CA TRP B 185 12.23 14.96 11.20
C TRP B 185 12.32 14.91 9.67
N MET B 186 12.88 15.97 9.10
CA MET B 186 13.21 16.03 7.69
C MET B 186 14.72 16.18 7.57
N LEU B 187 15.35 15.30 6.79
CA LEU B 187 16.79 15.28 6.64
C LEU B 187 17.16 15.52 5.19
N ALA B 188 18.07 16.46 4.96
CA ALA B 188 18.53 16.79 3.62
C ALA B 188 20.04 16.93 3.64
N PHE B 189 20.73 16.18 2.78
CA PHE B 189 22.17 16.20 2.71
C PHE B 189 22.60 16.70 1.34
N GLU B 190 23.45 17.72 1.32
CA GLU B 190 23.94 18.33 0.10
C GLU B 190 25.44 18.09 -0.04
N ALA B 191 25.87 17.75 -1.24
CA ALA B 191 27.28 17.45 -1.46
C ALA B 191 27.64 17.71 -2.91
N PRO B 192 28.88 18.11 -3.19
CA PRO B 192 29.29 18.28 -4.59
CA PRO B 192 29.29 18.29 -4.60
C PRO B 192 29.21 17.01 -5.41
N ARG B 193 29.44 15.86 -4.80
CA ARG B 193 29.42 14.58 -5.49
C ARG B 193 28.45 13.63 -4.81
N LEU B 194 27.76 12.82 -5.62
CA LEU B 194 26.80 11.86 -5.09
C LEU B 194 27.47 10.71 -4.35
N ASP B 195 28.66 10.29 -4.81
CA ASP B 195 29.37 9.22 -4.15
C ASP B 195 29.71 9.57 -2.72
N ARG B 196 29.96 10.85 -2.43
CA ARG B 196 30.20 11.27 -1.05
C ARG B 196 28.97 11.05 -0.20
N ILE B 197 27.78 11.36 -0.73
CA ILE B 197 26.55 11.11 0.01
C ILE B 197 26.35 9.62 0.26
N VAL B 198 26.61 8.80 -0.77
CA VAL B 198 26.45 7.35 -0.63
C VAL B 198 27.41 6.82 0.44
N ASP B 199 28.66 7.27 0.41
CA ASP B 199 29.65 6.81 1.38
C ASP B 199 29.28 7.27 2.79
N LEU B 200 28.81 8.50 2.93
CA LEU B 200 28.40 8.98 4.24
C LEU B 200 27.23 8.18 4.79
N MET B 201 26.24 7.88 3.94
CA MET B 201 25.10 7.09 4.40
C MET B 201 25.53 5.68 4.78
N HIS B 202 26.47 5.10 4.03
CA HIS B 202 26.99 3.79 4.40
C HIS B 202 27.72 3.85 5.74
N LYS B 203 28.55 4.88 5.95
CA LYS B 203 29.32 4.98 7.18
C LYS B 203 28.43 5.22 8.39
N MET B 204 27.35 5.99 8.21
CA MET B 204 26.47 6.30 9.32
C MET B 204 25.70 5.10 9.85
N ARG B 205 25.70 3.98 9.11
CA ARG B 205 25.07 2.76 9.61
C ARG B 205 25.80 2.17 10.81
N TYR B 206 27.06 2.55 11.03
CA TYR B 206 27.86 2.02 12.13
C TYR B 206 27.73 2.89 13.37
N THR B 207 26.50 3.17 13.78
CA THR B 207 26.24 4.01 14.95
C THR B 207 25.16 3.35 15.81
N GLU B 208 25.21 3.65 17.11
CA GLU B 208 24.20 3.13 18.02
C GLU B 208 22.83 3.73 17.74
N ALA B 209 22.78 4.93 17.15
CA ALA B 209 21.50 5.57 16.85
C ALA B 209 20.66 4.73 15.91
N ARG B 210 21.29 3.87 15.10
CA ARG B 210 20.54 2.99 14.20
C ARG B 210 19.64 2.04 14.97
N LEU B 211 19.88 1.85 16.26
CA LEU B 211 19.01 1.01 17.08
C LEU B 211 17.70 1.68 17.45
N HIS B 212 17.52 2.96 17.10
CA HIS B 212 16.34 3.72 17.50
C HIS B 212 15.71 4.38 16.29
N VAL B 213 15.51 3.61 15.23
CA VAL B 213 14.95 4.10 13.98
C VAL B 213 13.66 3.34 13.69
N ARG B 214 12.61 4.06 13.33
CA ARG B 214 11.33 3.46 12.96
C ARG B 214 10.97 3.63 11.50
N GLU B 215 11.32 4.76 10.88
CA GLU B 215 10.96 5.00 9.50
C GLU B 215 11.93 6.02 8.91
N GLU B 216 12.49 5.71 7.74
CA GLU B 216 13.42 6.62 7.07
C GLU B 216 13.21 6.64 5.57
N THR B 217 12.00 6.35 5.11
CA THR B 217 11.67 6.28 3.69
C THR B 217 10.43 7.12 3.44
N PRO B 218 10.22 7.58 2.19
CA PRO B 218 11.02 7.38 0.97
C PRO B 218 12.23 8.28 0.83
N PHE B 219 13.17 7.89 -0.02
CA PHE B 219 14.35 8.68 -0.34
C PHE B 219 14.13 9.43 -1.65
N PHE B 220 14.72 10.62 -1.75
CA PHE B 220 14.68 11.40 -2.99
C PHE B 220 16.07 11.95 -3.23
N THR B 221 16.74 11.44 -4.26
CA THR B 221 18.09 11.85 -4.62
C THR B 221 18.06 12.60 -5.95
N GLY B 222 18.66 13.78 -5.99
CA GLY B 222 18.56 14.60 -7.18
C GLY B 222 19.76 15.50 -7.40
N ARG B 223 19.82 16.02 -8.62
CA ARG B 223 20.88 16.93 -9.05
CA ARG B 223 20.88 16.93 -9.04
C ARG B 223 20.31 18.33 -9.20
N ARG B 224 21.00 19.32 -8.64
CA ARG B 224 20.54 20.69 -8.72
CA ARG B 224 20.54 20.69 -8.72
C ARG B 224 20.72 21.23 -10.13
N VAL B 225 19.70 21.91 -10.64
CA VAL B 225 19.74 22.51 -11.97
C VAL B 225 19.94 24.02 -11.82
N SER B 226 20.64 24.60 -12.78
CA SER B 226 20.92 26.04 -12.73
C SER B 226 19.65 26.85 -13.00
N GLU B 227 18.80 26.38 -13.91
CA GLU B 227 17.58 27.09 -14.25
C GLU B 227 16.50 26.07 -14.59
N VAL B 228 15.25 26.55 -14.57
CA VAL B 228 14.11 25.67 -14.78
C VAL B 228 14.06 25.13 -16.20
N SER B 229 14.69 25.81 -17.17
CA SER B 229 14.70 25.31 -18.54
C SER B 229 15.42 23.98 -18.64
N GLU B 230 16.54 23.84 -17.91
CA GLU B 230 17.29 22.60 -17.91
C GLU B 230 16.44 21.44 -17.39
N LEU B 231 15.60 21.71 -16.40
CA LEU B 231 14.72 20.67 -15.88
C LEU B 231 13.59 20.36 -16.85
N VAL B 232 12.97 21.40 -17.43
CA VAL B 232 11.81 21.18 -18.28
C VAL B 232 12.21 20.43 -19.56
N ASN B 233 13.40 20.72 -20.09
CA ASN B 233 13.80 20.12 -21.35
C ASN B 233 14.09 18.63 -21.25
N VAL B 234 14.19 18.07 -20.05
CA VAL B 234 14.47 16.65 -19.89
C VAL B 234 13.25 15.85 -19.41
N LEU B 235 12.17 16.51 -19.05
CA LEU B 235 10.99 15.80 -18.58
C LEU B 235 10.35 15.01 -19.72
N PRO B 236 9.70 13.89 -19.40
CA PRO B 236 9.02 13.12 -20.45
C PRO B 236 7.88 13.91 -21.08
N GLY B 237 7.66 13.67 -22.37
CA GLY B 237 6.63 14.39 -23.11
C GLY B 237 5.22 14.15 -22.62
N ASN C 8 8.99 -45.05 -9.96
CA ASN C 8 8.45 -43.85 -10.59
C ASN C 8 8.57 -42.65 -9.67
N PHE C 9 8.64 -42.91 -8.37
CA PHE C 9 8.73 -41.82 -7.40
C PHE C 9 10.02 -41.03 -7.56
N GLU C 10 11.12 -41.71 -7.86
CA GLU C 10 12.38 -40.99 -8.10
C GLU C 10 12.28 -40.08 -9.31
N GLU C 11 11.67 -40.57 -10.40
CA GLU C 11 11.48 -39.73 -11.58
C GLU C 11 10.52 -38.59 -11.30
N LEU C 12 9.46 -38.85 -10.54
CA LEU C 12 8.52 -37.79 -10.18
C LEU C 12 9.19 -36.72 -9.30
N ASN C 13 10.15 -37.12 -8.47
CA ASN C 13 10.91 -36.16 -7.68
C ASN C 13 12.03 -35.50 -8.47
N SER C 14 12.39 -36.05 -9.62
CA SER C 14 13.48 -35.51 -10.43
C SER C 14 13.00 -34.73 -11.65
N MET C 15 11.73 -34.84 -12.02
CA MET C 15 11.24 -34.14 -13.20
C MET C 15 11.19 -32.64 -12.95
N GLN C 16 11.43 -31.87 -14.00
CA GLN C 16 11.44 -30.41 -13.93
C GLN C 16 10.12 -29.88 -14.46
N ARG C 17 9.39 -29.14 -13.62
CA ARG C 17 8.08 -28.61 -13.99
C ARG C 17 7.90 -27.24 -13.34
N TYR C 18 7.77 -26.22 -14.17
CA TYR C 18 7.36 -24.90 -13.72
C TYR C 18 5.84 -24.80 -13.77
N SER C 19 5.27 -24.18 -12.73
CA SER C 19 3.83 -24.00 -12.61
C SER C 19 3.53 -22.53 -12.39
N GLN C 20 2.44 -22.05 -12.99
CA GLN C 20 2.06 -20.65 -12.84
C GLN C 20 0.56 -20.53 -12.63
N PHE C 21 0.18 -19.74 -11.62
CA PHE C 21 -1.18 -19.26 -11.42
C PHE C 21 -1.22 -17.80 -11.88
N ALA C 22 -1.82 -17.57 -13.04
CA ALA C 22 -1.96 -16.22 -13.58
C ALA C 22 -3.36 -15.71 -13.25
N VAL C 23 -3.44 -14.72 -12.37
CA VAL C 23 -4.71 -14.17 -11.91
C VAL C 23 -5.00 -12.89 -12.68
N PHE C 24 -6.20 -12.82 -13.26
CA PHE C 24 -6.60 -11.69 -14.09
C PHE C 24 -7.85 -11.05 -13.53
N ARG C 25 -7.92 -9.73 -13.66
N ARG C 25 -7.92 -9.73 -13.67
CA ARG C 25 -9.06 -8.92 -13.25
CA ARG C 25 -9.06 -8.93 -13.25
C ARG C 25 -9.71 -8.32 -14.49
C ARG C 25 -9.71 -8.31 -14.47
N ALA C 26 -11.03 -8.43 -14.58
CA ALA C 26 -11.76 -7.89 -15.71
C ALA C 26 -11.91 -6.38 -15.60
N ILE C 27 -11.77 -5.70 -16.73
CA ILE C 27 -11.98 -4.26 -16.80
C ILE C 27 -13.44 -4.00 -17.16
N PRO C 28 -14.23 -3.39 -16.30
CA PRO C 28 -15.64 -3.17 -16.61
C PRO C 28 -15.80 -2.28 -17.85
N GLY C 29 -16.78 -2.63 -18.68
CA GLY C 29 -17.08 -1.87 -19.87
C GLY C 29 -16.18 -2.17 -21.07
N ALA C 30 -15.24 -3.11 -20.93
CA ALA C 30 -14.33 -3.42 -22.02
C ALA C 30 -14.71 -4.68 -22.79
N LEU C 31 -15.36 -5.64 -22.14
CA LEU C 31 -15.68 -6.90 -22.81
C LEU C 31 -16.86 -6.75 -23.76
N GLY C 32 -17.84 -5.95 -23.39
CA GLY C 32 -19.03 -5.80 -24.22
C GLY C 32 -20.06 -6.87 -23.95
N SER C 33 -21.13 -6.83 -24.75
CA SER C 33 -22.24 -7.77 -24.62
C SER C 33 -22.19 -8.90 -25.64
N ASP C 34 -21.60 -8.67 -26.81
CA ASP C 34 -21.45 -9.70 -27.83
C ASP C 34 -20.12 -10.39 -27.61
N ARG C 35 -20.17 -11.65 -27.14
CA ARG C 35 -18.98 -12.36 -26.70
C ARG C 35 -18.75 -13.68 -27.44
N ALA C 36 -19.53 -13.98 -28.47
CA ALA C 36 -19.37 -15.24 -29.17
C ALA C 36 -18.00 -15.34 -29.84
N GLU C 37 -17.60 -14.28 -30.54
CA GLU C 37 -16.30 -14.30 -31.22
C GLU C 37 -15.15 -14.30 -30.22
N ILE C 38 -15.31 -13.59 -29.10
CA ILE C 38 -14.29 -13.61 -28.06
C ILE C 38 -14.14 -15.01 -27.49
N VAL C 39 -15.27 -15.68 -27.23
CA VAL C 39 -15.23 -17.04 -26.72
C VAL C 39 -14.54 -17.96 -27.72
N ALA C 40 -14.89 -17.83 -29.00
CA ALA C 40 -14.28 -18.69 -30.02
C ALA C 40 -12.78 -18.46 -30.11
N GLN C 41 -12.34 -17.20 -30.06
CA GLN C 41 -10.91 -16.90 -30.14
C GLN C 41 -10.16 -17.45 -28.93
N ALA C 42 -10.72 -17.28 -27.73
CA ALA C 42 -10.06 -17.81 -26.54
C ALA C 42 -9.99 -19.33 -26.56
N GLN C 43 -11.08 -19.98 -26.99
CA GLN C 43 -11.07 -21.43 -27.08
C GLN C 43 -10.05 -21.91 -28.11
N SER C 44 -9.94 -21.19 -29.23
CA SER C 44 -8.93 -21.55 -30.24
C SER C 44 -7.53 -21.38 -29.69
N PHE C 45 -7.29 -20.33 -28.90
CA PHE C 45 -5.98 -20.13 -28.30
C PHE C 45 -5.63 -21.29 -27.36
N PHE C 46 -6.58 -21.69 -26.51
CA PHE C 46 -6.31 -22.78 -25.59
C PHE C 46 -6.17 -24.12 -26.33
N ASP C 47 -6.93 -24.32 -27.40
CA ASP C 47 -6.78 -25.53 -28.21
C ASP C 47 -5.41 -25.57 -28.86
N GLY C 48 -4.92 -24.43 -29.36
CA GLY C 48 -3.57 -24.39 -29.91
C GLY C 48 -2.51 -24.65 -28.85
N LEU C 49 -2.71 -24.13 -27.65
CA LEU C 49 -1.80 -24.43 -26.55
C LEU C 49 -1.76 -25.92 -26.27
N GLU C 50 -2.93 -26.57 -26.24
CA GLU C 50 -2.97 -28.01 -26.01
C GLU C 50 -2.30 -28.78 -27.14
N THR C 51 -2.53 -28.35 -28.39
CA THR C 51 -1.96 -29.05 -29.53
C THR C 51 -0.44 -28.93 -29.56
N ALA C 52 0.10 -27.76 -29.20
CA ALA C 52 1.55 -27.57 -29.24
C ALA C 52 2.26 -28.53 -28.30
N GLY C 53 1.66 -28.88 -27.17
CA GLY C 53 2.20 -29.89 -26.30
C GLY C 53 3.29 -29.42 -25.35
N LYS C 54 3.55 -28.12 -25.27
CA LYS C 54 4.58 -27.59 -24.38
C LYS C 54 4.00 -27.10 -23.07
N VAL C 55 2.92 -26.32 -23.12
CA VAL C 55 2.28 -25.76 -21.93
C VAL C 55 0.98 -26.51 -21.70
N GLU C 56 0.84 -27.10 -20.53
CA GLU C 56 -0.37 -27.82 -20.15
C GLU C 56 -1.21 -26.92 -19.25
N VAL C 57 -2.42 -26.60 -19.69
CA VAL C 57 -3.34 -25.78 -18.91
C VAL C 57 -4.03 -26.71 -17.91
N ARG C 58 -3.60 -26.66 -16.65
CA ARG C 58 -4.21 -27.52 -15.64
C ARG C 58 -5.65 -27.11 -15.37
N GLY C 59 -5.92 -25.80 -15.35
CA GLY C 59 -7.28 -25.38 -15.07
C GLY C 59 -7.52 -23.92 -15.36
N ILE C 60 -8.80 -23.60 -15.55
CA ILE C 60 -9.29 -22.23 -15.62
C ILE C 60 -10.35 -22.08 -14.54
N TYR C 61 -10.19 -21.08 -13.69
CA TYR C 61 -10.99 -20.94 -12.47
C TYR C 61 -11.68 -19.59 -12.43
N ASP C 62 -12.95 -19.61 -12.03
CA ASP C 62 -13.74 -18.40 -11.86
C ASP C 62 -13.57 -17.90 -10.43
N LEU C 63 -12.99 -16.71 -10.29
CA LEU C 63 -12.70 -16.13 -8.97
C LEU C 63 -13.73 -15.08 -8.57
N ALA C 64 -14.88 -15.01 -9.24
CA ALA C 64 -15.88 -14.01 -8.92
C ALA C 64 -16.38 -14.18 -7.49
N GLY C 65 -16.41 -13.08 -6.75
CA GLY C 65 -16.86 -13.09 -5.39
C GLY C 65 -15.81 -13.42 -4.35
N CYS C 66 -14.59 -13.79 -4.77
CA CYS C 66 -13.55 -14.12 -3.80
C CYS C 66 -12.93 -12.86 -3.22
N ARG C 67 -12.43 -11.97 -4.08
CA ARG C 67 -11.81 -10.73 -3.63
C ARG C 67 -12.04 -9.66 -4.68
N ALA C 68 -11.82 -8.40 -4.27
CA ALA C 68 -12.18 -7.27 -5.11
C ALA C 68 -11.31 -7.15 -6.34
N GLU C 69 -10.06 -7.60 -6.28
CA GLU C 69 -9.09 -7.33 -7.32
C GLU C 69 -8.86 -8.51 -8.26
N ALA C 70 -9.70 -9.53 -8.22
CA ALA C 70 -9.50 -10.72 -9.06
C ALA C 70 -10.81 -11.13 -9.70
N ASP C 71 -10.72 -11.65 -10.91
CA ASP C 71 -11.90 -12.13 -11.62
C ASP C 71 -11.77 -13.56 -12.13
N PHE C 72 -10.60 -13.98 -12.59
CA PHE C 72 -10.41 -15.37 -12.97
C PHE C 72 -8.93 -15.71 -12.88
N MET C 73 -8.63 -16.99 -13.08
CA MET C 73 -7.27 -17.48 -12.91
C MET C 73 -6.99 -18.62 -13.88
N ILE C 74 -5.77 -18.67 -14.39
CA ILE C 74 -5.31 -19.75 -15.25
C ILE C 74 -4.15 -20.46 -14.55
N TRP C 75 -4.30 -21.75 -14.32
CA TRP C 75 -3.23 -22.59 -13.78
C TRP C 75 -2.66 -23.41 -14.92
N TRP C 76 -1.41 -23.14 -15.30
CA TRP C 76 -0.76 -23.89 -16.36
C TRP C 76 0.67 -24.26 -15.98
N ILE C 77 1.14 -25.37 -16.56
N ILE C 77 1.14 -25.37 -16.56
CA ILE C 77 2.40 -25.99 -16.18
CA ILE C 77 2.40 -25.98 -16.19
C ILE C 77 3.18 -26.29 -17.46
C ILE C 77 3.18 -26.29 -17.46
N ALA C 78 4.48 -25.98 -17.44
CA ALA C 78 5.35 -26.28 -18.57
C ALA C 78 6.72 -26.73 -18.07
N GLU C 79 7.42 -27.50 -18.90
CA GLU C 79 8.75 -27.97 -18.53
C GLU C 79 9.74 -26.82 -18.41
N GLU C 80 9.69 -25.87 -19.34
CA GLU C 80 10.59 -24.71 -19.34
C GLU C 80 9.81 -23.46 -19.02
N PHE C 81 10.42 -22.55 -18.26
CA PHE C 81 9.73 -21.32 -17.88
C PHE C 81 9.55 -20.38 -19.05
N GLU C 82 10.43 -20.45 -20.05
CA GLU C 82 10.26 -19.60 -21.23
C GLU C 82 8.99 -19.96 -21.99
N GLU C 83 8.59 -21.24 -21.95
CA GLU C 83 7.33 -21.64 -22.57
C GLU C 83 6.14 -21.00 -21.86
N ILE C 84 6.19 -20.95 -20.53
CA ILE C 84 5.13 -20.27 -19.78
C ILE C 84 5.13 -18.78 -20.08
N GLN C 85 6.32 -18.18 -20.19
CA GLN C 85 6.40 -16.77 -20.55
C GLN C 85 5.76 -16.51 -21.91
N ALA C 86 6.08 -17.36 -22.89
CA ALA C 86 5.53 -17.19 -24.23
C ALA C 86 4.00 -17.36 -24.22
N ALA C 87 3.50 -18.36 -23.49
CA ALA C 87 2.06 -18.56 -23.43
C ALA C 87 1.36 -17.38 -22.77
N PHE C 88 1.92 -16.87 -21.68
CA PHE C 88 1.32 -15.75 -20.96
C PHE C 88 1.32 -14.50 -21.82
N ALA C 89 2.45 -14.19 -22.45
CA ALA C 89 2.52 -13.03 -23.32
C ALA C 89 1.59 -13.16 -24.51
N ARG C 90 1.51 -14.35 -25.10
N ARG C 90 1.51 -14.35 -25.10
N ARG C 90 1.51 -14.35 -25.10
CA ARG C 90 0.62 -14.56 -26.23
CA ARG C 90 0.62 -14.56 -26.24
CA ARG C 90 0.62 -14.56 -26.24
C ARG C 90 -0.84 -14.42 -25.83
C ARG C 90 -0.84 -14.42 -25.83
C ARG C 90 -0.84 -14.42 -25.83
N PHE C 91 -1.21 -14.91 -24.64
CA PHE C 91 -2.57 -14.74 -24.16
C PHE C 91 -2.90 -13.27 -23.98
N ARG C 92 -1.97 -12.50 -23.42
CA ARG C 92 -2.22 -11.07 -23.25
C ARG C 92 -2.20 -10.30 -24.57
N ARG C 93 -1.52 -10.81 -25.59
CA ARG C 93 -1.28 -10.05 -26.81
C ARG C 93 -2.24 -10.36 -27.94
N GLU C 94 -2.62 -11.63 -28.14
CA GLU C 94 -3.31 -12.06 -29.34
C GLU C 94 -4.74 -12.50 -29.09
N THR C 95 -5.25 -12.37 -27.87
CA THR C 95 -6.64 -12.69 -27.56
C THR C 95 -7.33 -11.46 -27.01
N VAL C 96 -8.59 -11.27 -27.42
CA VAL C 96 -9.38 -10.15 -26.92
C VAL C 96 -9.59 -10.29 -25.42
N LEU C 97 -9.77 -11.53 -24.94
CA LEU C 97 -9.95 -11.75 -23.51
C LEU C 97 -8.73 -11.30 -22.72
N GLY C 98 -7.53 -11.58 -23.24
CA GLY C 98 -6.33 -11.12 -22.57
C GLY C 98 -6.10 -9.62 -22.71
N GLN C 99 -6.62 -9.01 -23.78
CA GLN C 99 -6.44 -7.58 -23.98
C GLN C 99 -7.35 -6.76 -23.10
N VAL C 100 -8.52 -7.28 -22.73
CA VAL C 100 -9.49 -6.54 -21.94
C VAL C 100 -9.39 -6.87 -20.46
N SER C 101 -8.29 -7.50 -20.04
CA SER C 101 -8.09 -7.87 -18.65
C SER C 101 -6.73 -7.38 -18.18
N GLU C 102 -6.64 -7.11 -16.88
CA GLU C 102 -5.36 -6.73 -16.26
C GLU C 102 -4.80 -7.91 -15.48
N VAL C 103 -3.49 -7.96 -15.37
CA VAL C 103 -2.83 -8.97 -14.55
C VAL C 103 -2.83 -8.48 -13.10
N ALA C 104 -3.50 -9.22 -12.23
CA ALA C 104 -3.61 -8.81 -10.82
C ALA C 104 -2.51 -9.43 -9.96
N TRP C 105 -2.14 -10.68 -10.24
CA TRP C 105 -1.16 -11.38 -9.41
C TRP C 105 -0.67 -12.60 -10.18
N LEU C 106 0.63 -12.88 -10.04
CA LEU C 106 1.25 -14.03 -10.68
C LEU C 106 1.94 -14.89 -9.62
N GLY C 107 1.59 -16.17 -9.57
CA GLY C 107 2.23 -17.09 -8.67
C GLY C 107 3.06 -18.13 -9.41
N ASN C 108 4.38 -18.02 -9.34
CA ASN C 108 5.29 -18.90 -10.05
C ASN C 108 5.97 -19.85 -9.08
N SER C 109 6.23 -21.06 -9.56
CA SER C 109 6.85 -22.07 -8.71
C SER C 109 7.55 -23.11 -9.58
N LEU C 110 8.53 -23.79 -8.99
CA LEU C 110 9.29 -24.84 -9.65
C LEU C 110 9.27 -26.07 -8.77
N HIS C 111 8.90 -27.21 -9.34
CA HIS C 111 8.69 -28.41 -8.54
C HIS C 111 10.01 -28.98 -8.07
N ARG C 112 10.09 -29.29 -6.78
CA ARG C 112 11.27 -29.87 -6.16
C ARG C 112 10.82 -30.92 -5.15
N PRO C 113 11.65 -31.92 -4.88
CA PRO C 113 11.29 -32.93 -3.87
C PRO C 113 11.26 -32.32 -2.47
N ALA C 114 10.42 -32.90 -1.63
CA ALA C 114 10.28 -32.41 -0.27
C ALA C 114 11.55 -32.66 0.53
N GLU C 115 11.72 -31.87 1.59
CA GLU C 115 12.95 -31.95 2.39
C GLU C 115 13.05 -33.28 3.13
N PHE C 116 11.95 -33.71 3.76
CA PHE C 116 11.96 -34.90 4.60
C PHE C 116 11.09 -36.02 4.04
N ASN C 117 9.81 -35.77 3.81
CA ASN C 117 8.89 -36.80 3.33
C ASN C 117 8.89 -36.76 1.81
N ARG C 118 9.78 -37.55 1.20
CA ARG C 118 9.89 -37.58 -0.24
C ARG C 118 8.73 -38.28 -0.92
N SER C 119 7.86 -38.95 -0.16
CA SER C 119 6.64 -39.51 -0.73
C SER C 119 5.54 -38.47 -0.92
N HIS C 120 5.69 -37.29 -0.33
CA HIS C 120 4.73 -36.22 -0.52
C HIS C 120 5.01 -35.52 -1.84
N LEU C 121 4.04 -35.55 -2.74
CA LEU C 121 4.21 -34.98 -4.07
C LEU C 121 3.03 -34.08 -4.41
N PRO C 122 3.24 -33.06 -5.23
CA PRO C 122 2.12 -32.21 -5.66
C PRO C 122 1.10 -33.01 -6.45
N SER C 123 -0.17 -32.60 -6.32
CA SER C 123 -1.25 -33.29 -7.01
C SER C 123 -1.07 -33.23 -8.52
N PHE C 124 -0.55 -32.11 -9.04
CA PHE C 124 -0.36 -31.99 -10.48
C PHE C 124 0.83 -32.83 -10.95
N ILE C 125 1.81 -33.06 -10.08
CA ILE C 125 2.92 -33.94 -10.44
C ILE C 125 2.45 -35.38 -10.52
N MET C 126 1.59 -35.79 -9.58
CA MET C 126 1.04 -37.14 -9.59
C MET C 126 0.01 -37.34 -10.69
N GLY C 127 -0.39 -36.29 -11.39
CA GLY C 127 -1.37 -36.40 -12.45
C GLY C 127 -2.76 -36.74 -11.99
N GLU C 128 -3.18 -36.21 -10.84
CA GLU C 128 -4.53 -36.44 -10.35
C GLU C 128 -5.53 -35.54 -11.07
N ILE C 129 -6.79 -35.95 -11.04
CA ILE C 129 -7.85 -35.15 -11.65
C ILE C 129 -8.04 -33.87 -10.85
N PRO C 130 -8.01 -32.69 -11.47
CA PRO C 130 -8.20 -31.45 -10.72
C PRO C 130 -9.56 -31.40 -10.04
N GLY C 131 -9.58 -30.82 -8.84
CA GLY C 131 -10.82 -30.70 -8.10
C GLY C 131 -11.71 -29.59 -8.61
N ASP C 132 -12.96 -29.64 -8.18
CA ASP C 132 -13.92 -28.63 -8.60
C ASP C 132 -13.62 -27.26 -8.01
N TRP C 133 -13.09 -27.22 -6.78
CA TRP C 133 -12.78 -25.98 -6.11
C TRP C 133 -11.29 -25.93 -5.78
N ILE C 134 -10.70 -24.74 -5.87
CA ILE C 134 -9.29 -24.55 -5.57
C ILE C 134 -9.11 -23.32 -4.71
N THR C 135 -8.08 -23.36 -3.86
CA THR C 135 -7.57 -22.20 -3.17
C THR C 135 -6.07 -22.12 -3.39
N VAL C 136 -5.57 -20.91 -3.63
CA VAL C 136 -4.16 -20.70 -3.97
C VAL C 136 -3.65 -19.52 -3.17
N TYR C 137 -2.48 -19.69 -2.55
CA TYR C 137 -1.86 -18.55 -1.87
C TYR C 137 -0.36 -18.77 -1.79
N PRO C 138 0.42 -17.69 -1.73
CA PRO C 138 1.86 -17.83 -1.48
C PRO C 138 2.14 -17.93 0.01
N PHE C 139 3.37 -18.32 0.32
CA PHE C 139 3.76 -18.57 1.70
C PHE C 139 5.20 -18.16 1.90
N VAL C 140 5.47 -17.51 3.03
CA VAL C 140 6.81 -17.14 3.45
C VAL C 140 7.00 -17.59 4.88
N ARG C 141 8.03 -18.39 5.11
CA ARG C 141 8.33 -18.89 6.45
C ARG C 141 9.06 -17.83 7.26
N SER C 142 9.22 -18.11 8.56
CA SER C 142 9.98 -17.21 9.42
C SER C 142 11.45 -17.24 9.05
N TYR C 143 12.18 -16.23 9.53
CA TYR C 143 13.58 -16.08 9.15
C TYR C 143 14.43 -17.24 9.67
N ASP C 144 14.13 -17.74 10.87
CA ASP C 144 14.91 -18.79 11.49
C ASP C 144 14.39 -20.18 11.17
N TRP C 145 13.41 -20.30 10.28
CA TRP C 145 12.78 -21.59 10.01
C TRP C 145 13.77 -22.59 9.42
N TYR C 146 14.60 -22.15 8.47
CA TYR C 146 15.44 -23.08 7.75
C TYR C 146 16.73 -23.42 8.49
N ILE C 147 17.20 -22.52 9.37
CA ILE C 147 18.40 -22.80 10.16
C ILE C 147 18.10 -23.48 11.47
N MET C 148 16.82 -23.68 11.79
CA MET C 148 16.45 -24.43 12.99
C MET C 148 16.92 -25.88 12.87
N ASP C 149 17.21 -26.48 14.03
CA ASP C 149 17.62 -27.88 14.15
C ASP C 149 16.80 -28.75 13.21
N PRO C 150 17.47 -29.46 12.29
CA PRO C 150 16.71 -30.24 11.30
C PRO C 150 15.75 -31.26 11.90
N GLN C 151 16.12 -31.88 13.03
CA GLN C 151 15.21 -32.82 13.67
C GLN C 151 13.96 -32.11 14.19
N LYS C 152 14.13 -30.93 14.78
CA LYS C 152 12.98 -30.19 15.27
C LYS C 152 12.05 -29.78 14.14
N ARG C 153 12.62 -29.29 13.03
CA ARG C 153 11.81 -28.91 11.88
C ARG C 153 11.12 -30.11 11.27
N ARG C 154 11.82 -31.25 11.22
CA ARG C 154 11.21 -32.47 10.70
C ARG C 154 10.04 -32.92 11.56
N LYS C 155 10.19 -32.85 12.88
CA LYS C 155 9.09 -33.20 13.78
C LYS C 155 7.92 -32.25 13.61
N ILE C 156 8.20 -30.96 13.49
CA ILE C 156 7.13 -29.98 13.29
C ILE C 156 6.38 -30.24 11.99
N LEU C 157 7.12 -30.53 10.92
CA LEU C 157 6.49 -30.79 9.63
C LEU C 157 5.71 -32.10 9.65
N ALA C 158 6.21 -33.11 10.37
CA ALA C 158 5.49 -34.36 10.50
C ALA C 158 4.17 -34.16 11.23
N GLU C 159 4.19 -33.39 12.32
CA GLU C 159 2.95 -33.12 13.04
C GLU C 159 1.99 -32.32 12.16
N HIS C 160 2.53 -31.38 11.39
CA HIS C 160 1.71 -30.55 10.51
C HIS C 160 0.99 -31.42 9.48
N GLY C 161 1.74 -32.29 8.80
CA GLY C 161 1.12 -33.18 7.84
C GLY C 161 0.14 -34.13 8.47
N GLN C 162 0.45 -34.61 9.68
CA GLN C 162 -0.42 -35.53 10.37
C GLN C 162 -1.73 -34.85 10.79
N ALA C 163 -1.70 -33.55 11.04
CA ALA C 163 -2.91 -32.83 11.41
C ALA C 163 -3.96 -32.84 10.31
N ALA C 164 -3.55 -33.11 9.07
CA ALA C 164 -4.48 -33.20 7.94
C ALA C 164 -4.88 -34.63 7.64
N ARG C 165 -4.93 -35.50 8.67
CA ARG C 165 -5.28 -36.89 8.44
C ARG C 165 -6.71 -37.05 7.96
N ASP C 166 -7.58 -36.11 8.33
CA ASP C 166 -9.02 -36.25 8.14
C ASP C 166 -9.53 -35.59 6.87
N PHE C 167 -8.63 -35.12 6.01
CA PHE C 167 -9.01 -34.48 4.74
C PHE C 167 -8.24 -35.15 3.59
N PRO C 168 -8.51 -36.43 3.32
CA PRO C 168 -7.87 -37.07 2.17
C PRO C 168 -8.44 -36.61 0.84
N ASP C 169 -9.65 -36.05 0.83
CA ASP C 169 -10.27 -35.56 -0.40
C ASP C 169 -9.72 -34.20 -0.83
N VAL C 170 -8.93 -33.54 0.01
CA VAL C 170 -8.30 -32.27 -0.33
C VAL C 170 -6.86 -32.56 -0.75
N ARG C 171 -6.55 -32.30 -2.01
CA ARG C 171 -5.22 -32.56 -2.55
C ARG C 171 -4.39 -31.30 -2.47
N ALA C 172 -3.17 -31.44 -1.98
CA ALA C 172 -2.27 -30.32 -1.70
C ALA C 172 -1.15 -30.27 -2.72
N ASN C 173 -0.79 -29.06 -3.14
CA ASN C 173 0.37 -28.80 -3.99
C ASN C 173 1.21 -27.75 -3.28
N THR C 174 2.37 -28.16 -2.79
CA THR C 174 3.32 -27.28 -2.11
C THR C 174 4.58 -27.21 -2.96
N VAL C 175 4.81 -26.07 -3.61
CA VAL C 175 5.89 -25.99 -4.58
C VAL C 175 6.85 -24.86 -4.19
N PRO C 176 8.17 -25.08 -4.26
CA PRO C 176 9.11 -23.98 -3.99
C PRO C 176 8.91 -22.84 -4.97
N ALA C 177 9.07 -21.61 -4.47
CA ALA C 177 8.87 -20.41 -5.27
C ALA C 177 10.00 -19.40 -5.10
N PHE C 178 11.16 -19.85 -4.62
CA PHE C 178 12.27 -18.93 -4.39
C PHE C 178 12.75 -18.33 -5.70
N ALA C 179 13.03 -17.02 -5.66
CA ALA C 179 13.58 -16.22 -6.76
C ALA C 179 12.63 -16.09 -7.95
N LEU C 180 11.43 -16.67 -7.87
CA LEU C 180 10.42 -16.50 -8.90
C LEU C 180 9.39 -15.45 -8.52
N GLY C 181 9.65 -14.70 -7.45
CA GLY C 181 8.70 -13.72 -6.97
C GLY C 181 9.09 -13.26 -5.58
N ASP C 182 8.12 -12.72 -4.86
CA ASP C 182 8.34 -12.19 -3.52
C ASP C 182 8.17 -13.23 -2.44
N TYR C 183 7.97 -14.49 -2.80
CA TYR C 183 7.55 -15.52 -1.85
C TYR C 183 8.51 -16.69 -1.87
N GLU C 184 8.31 -17.60 -0.91
CA GLU C 184 9.13 -18.79 -0.77
C GLU C 184 8.42 -20.06 -1.23
N TRP C 185 7.11 -20.16 -1.03
CA TRP C 185 6.35 -21.33 -1.42
C TRP C 185 5.05 -20.90 -2.09
N MET C 186 4.53 -21.78 -2.92
CA MET C 186 3.22 -21.61 -3.54
C MET C 186 2.36 -22.80 -3.15
N LEU C 187 1.19 -22.54 -2.58
CA LEU C 187 0.32 -23.57 -2.04
C LEU C 187 -1.01 -23.54 -2.76
N ALA C 188 -1.44 -24.70 -3.25
CA ALA C 188 -2.73 -24.84 -3.93
C ALA C 188 -3.45 -26.07 -3.41
N PHE C 189 -4.69 -25.89 -2.96
CA PHE C 189 -5.49 -26.97 -2.42
C PHE C 189 -6.73 -27.16 -3.28
N GLU C 190 -6.95 -28.39 -3.74
CA GLU C 190 -8.06 -28.73 -4.61
C GLU C 190 -9.00 -29.69 -3.89
N ALA C 191 -10.30 -29.43 -3.97
CA ALA C 191 -11.27 -30.28 -3.29
C ALA C 191 -12.59 -30.23 -4.03
N PRO C 192 -13.38 -31.31 -3.98
CA PRO C 192 -14.71 -31.27 -4.61
CA PRO C 192 -14.71 -31.27 -4.61
C PRO C 192 -15.64 -30.23 -4.00
N ARG C 193 -15.50 -29.94 -2.72
N ARG C 193 -15.49 -29.95 -2.71
CA ARG C 193 -16.37 -29.00 -2.03
CA ARG C 193 -16.36 -29.00 -2.01
C ARG C 193 -15.53 -27.91 -1.37
C ARG C 193 -15.51 -27.89 -1.40
N LEU C 194 -16.05 -26.67 -1.43
CA LEU C 194 -15.34 -25.55 -0.82
C LEU C 194 -15.31 -25.66 0.70
N ASP C 195 -16.38 -26.16 1.30
CA ASP C 195 -16.44 -26.27 2.75
C ASP C 195 -15.34 -27.19 3.28
N ARG C 196 -14.94 -28.20 2.50
CA ARG C 196 -13.83 -29.05 2.92
C ARG C 196 -12.54 -28.26 3.00
N ILE C 197 -12.29 -27.38 2.02
CA ILE C 197 -11.11 -26.52 2.06
C ILE C 197 -11.16 -25.60 3.27
N VAL C 198 -12.33 -25.01 3.53
CA VAL C 198 -12.46 -24.09 4.66
C VAL C 198 -12.19 -24.83 5.97
N ASP C 199 -12.76 -26.02 6.12
CA ASP C 199 -12.55 -26.81 7.33
C ASP C 199 -11.11 -27.23 7.49
N LEU C 200 -10.45 -27.62 6.39
CA LEU C 200 -9.04 -27.98 6.48
C LEU C 200 -8.19 -26.79 6.90
N MET C 201 -8.45 -25.61 6.34
CA MET C 201 -7.69 -24.43 6.71
C MET C 201 -7.93 -24.07 8.18
N HIS C 202 -9.17 -24.21 8.65
CA HIS C 202 -9.44 -23.96 10.06
C HIS C 202 -8.71 -24.95 10.95
N LYS C 203 -8.75 -26.24 10.60
CA LYS C 203 -8.14 -27.28 11.42
C LYS C 203 -6.62 -27.14 11.44
N MET C 204 -6.02 -26.72 10.33
CA MET C 204 -4.57 -26.65 10.25
C MET C 204 -3.99 -25.51 11.08
N ARG C 205 -4.83 -24.62 11.62
CA ARG C 205 -4.34 -23.58 12.53
C ARG C 205 -3.86 -24.15 13.84
N TYR C 206 -4.24 -25.39 14.18
CA TYR C 206 -3.86 -26.01 15.44
C TYR C 206 -2.56 -26.81 15.29
N THR C 207 -1.53 -26.16 14.76
CA THR C 207 -0.24 -26.81 14.54
C THR C 207 0.88 -25.89 15.02
N GLU C 208 2.00 -26.50 15.42
CA GLU C 208 3.15 -25.72 15.84
C GLU C 208 3.75 -24.94 14.69
N ALA C 209 3.59 -25.41 13.46
CA ALA C 209 4.13 -24.71 12.30
C ALA C 209 3.58 -23.31 12.16
N ARG C 210 2.39 -23.04 12.71
CA ARG C 210 1.82 -21.70 12.67
C ARG C 210 2.69 -20.69 13.41
N LEU C 211 3.59 -21.15 14.28
CA LEU C 211 4.50 -20.25 14.96
C LEU C 211 5.62 -19.75 14.06
N HIS C 212 5.74 -20.26 12.84
CA HIS C 212 6.86 -19.94 11.96
C HIS C 212 6.34 -19.45 10.60
N VAL C 213 5.39 -18.53 10.64
CA VAL C 213 4.78 -17.97 9.43
C VAL C 213 5.04 -16.47 9.39
N ARG C 214 5.40 -15.98 8.21
CA ARG C 214 5.60 -14.55 8.00
C ARG C 214 4.54 -13.93 7.10
N GLU C 215 4.32 -14.52 5.92
CA GLU C 215 3.30 -14.03 5.00
C GLU C 215 2.58 -15.21 4.37
N GLU C 216 1.24 -15.09 4.27
CA GLU C 216 0.45 -16.12 3.62
C GLU C 216 -0.69 -15.53 2.79
N THR C 217 -0.56 -14.30 2.32
CA THR C 217 -1.58 -13.60 1.57
C THR C 217 -0.97 -13.05 0.30
N PRO C 218 -1.78 -12.79 -0.75
CA PRO C 218 -3.25 -12.91 -0.84
C PRO C 218 -3.76 -14.31 -1.12
N PHE C 219 -5.03 -14.56 -0.82
CA PHE C 219 -5.71 -15.80 -1.13
C PHE C 219 -6.52 -15.65 -2.41
N PHE C 220 -6.63 -16.74 -3.17
CA PHE C 220 -7.46 -16.77 -4.38
C PHE C 220 -8.24 -18.07 -4.36
N THR C 221 -9.55 -17.97 -4.17
CA THR C 221 -10.44 -19.12 -4.11
C THR C 221 -11.36 -19.11 -5.33
N GLY C 222 -11.43 -20.24 -6.03
CA GLY C 222 -12.18 -20.28 -7.26
C GLY C 222 -12.78 -21.63 -7.58
N ARG C 223 -13.69 -21.61 -8.55
CA ARG C 223 -14.37 -22.80 -9.04
C ARG C 223 -13.87 -23.11 -10.45
N ARG C 224 -13.53 -24.38 -10.69
N ARG C 224 -13.54 -24.38 -10.68
CA ARG C 224 -13.05 -24.79 -11.99
CA ARG C 224 -13.04 -24.79 -11.99
C ARG C 224 -14.20 -24.83 -12.99
C ARG C 224 -14.19 -24.83 -13.00
N VAL C 225 -13.96 -24.26 -14.18
CA VAL C 225 -14.95 -24.23 -15.25
C VAL C 225 -14.57 -25.28 -16.28
N SER C 226 -15.59 -25.90 -16.89
CA SER C 226 -15.34 -26.94 -17.87
C SER C 226 -14.73 -26.37 -19.14
N GLU C 227 -15.17 -25.18 -19.56
CA GLU C 227 -14.67 -24.56 -20.78
C GLU C 227 -14.63 -23.05 -20.58
N VAL C 228 -13.87 -22.39 -21.46
CA VAL C 228 -13.65 -20.95 -21.32
C VAL C 228 -14.92 -20.14 -21.59
N SER C 229 -15.88 -20.71 -22.32
CA SER C 229 -17.13 -20.00 -22.57
C SER C 229 -17.88 -19.75 -21.27
N GLU C 230 -17.90 -20.74 -20.37
CA GLU C 230 -18.55 -20.60 -19.08
C GLU C 230 -17.95 -19.44 -18.28
N LEU C 231 -16.63 -19.27 -18.38
CA LEU C 231 -15.98 -18.16 -17.68
C LEU C 231 -16.30 -16.83 -18.35
N VAL C 232 -16.21 -16.78 -19.69
CA VAL C 232 -16.36 -15.51 -20.39
C VAL C 232 -17.78 -14.98 -20.25
N ASN C 233 -18.78 -15.87 -20.24
CA ASN C 233 -20.17 -15.44 -20.21
C ASN C 233 -20.59 -14.81 -18.89
N VAL C 234 -19.77 -14.92 -17.84
CA VAL C 234 -20.11 -14.36 -16.53
C VAL C 234 -19.26 -13.15 -16.18
N LEU C 235 -18.27 -12.80 -17.00
CA LEU C 235 -17.40 -11.68 -16.69
C LEU C 235 -18.17 -10.36 -16.78
N PRO C 236 -17.80 -9.37 -15.97
CA PRO C 236 -18.51 -8.08 -16.00
C PRO C 236 -18.22 -7.29 -17.27
N GLY C 237 -19.14 -6.39 -17.59
CA GLY C 237 -18.97 -5.48 -18.70
C GLY C 237 -18.93 -6.15 -20.06
N ASN D 8 -33.31 -28.34 17.15
CA ASN D 8 -33.30 -26.89 16.97
C ASN D 8 -31.88 -26.36 16.91
N PHE D 9 -31.23 -26.28 18.08
CA PHE D 9 -29.86 -25.76 18.13
C PHE D 9 -28.89 -26.65 17.37
N GLU D 10 -29.09 -27.96 17.42
CA GLU D 10 -28.24 -28.86 16.64
C GLU D 10 -28.38 -28.61 15.14
N GLU D 11 -29.62 -28.42 14.68
CA GLU D 11 -29.83 -28.12 13.27
C GLU D 11 -29.21 -26.78 12.89
N LEU D 12 -29.34 -25.78 13.75
CA LEU D 12 -28.74 -24.48 13.48
C LEU D 12 -27.21 -24.58 13.43
N ASN D 13 -26.62 -25.39 14.29
CA ASN D 13 -25.18 -25.57 14.28
C ASN D 13 -24.71 -26.44 13.11
N SER D 14 -25.61 -27.23 12.53
CA SER D 14 -25.25 -28.14 11.46
C SER D 14 -25.61 -27.62 10.07
N MET D 15 -26.39 -26.55 9.96
CA MET D 15 -26.80 -26.05 8.66
C MET D 15 -25.63 -25.42 7.93
N GLN D 16 -25.69 -25.45 6.60
CA GLN D 16 -24.65 -24.90 5.75
C GLN D 16 -25.12 -23.57 5.18
N ARG D 17 -24.38 -22.50 5.47
CA ARG D 17 -24.75 -21.16 5.03
C ARG D 17 -23.49 -20.37 4.75
N TYR D 18 -23.28 -20.00 3.49
CA TYR D 18 -22.28 -19.02 3.11
C TYR D 18 -22.88 -17.62 3.18
N SER D 19 -22.09 -16.68 3.66
CA SER D 19 -22.51 -15.29 3.81
C SER D 19 -21.47 -14.38 3.14
N GLN D 20 -21.94 -13.32 2.49
CA GLN D 20 -21.03 -12.39 1.84
C GLN D 20 -21.47 -10.96 2.09
N PHE D 21 -20.49 -10.13 2.46
CA PHE D 21 -20.61 -8.68 2.45
C PHE D 21 -19.87 -8.16 1.23
N ALA D 22 -20.61 -7.68 0.24
CA ALA D 22 -20.04 -7.12 -0.97
C ALA D 22 -20.10 -5.60 -0.85
N VAL D 23 -18.93 -4.97 -0.78
CA VAL D 23 -18.83 -3.52 -0.60
C VAL D 23 -18.48 -2.90 -1.95
N PHE D 24 -19.27 -1.91 -2.35
CA PHE D 24 -19.09 -1.24 -3.63
C PHE D 24 -18.85 0.24 -3.42
N ARG D 25 -18.02 0.81 -4.28
CA ARG D 25 -17.71 2.23 -4.30
C ARG D 25 -18.27 2.81 -5.60
N ALA D 26 -18.97 3.94 -5.49
CA ALA D 26 -19.57 4.58 -6.64
C ALA D 26 -18.51 5.36 -7.42
N ILE D 27 -18.60 5.31 -8.74
CA ILE D 27 -17.69 6.04 -9.62
C ILE D 27 -18.35 7.38 -9.93
N PRO D 28 -17.76 8.50 -9.51
CA PRO D 28 -18.39 9.81 -9.78
C PRO D 28 -18.52 10.08 -11.26
N GLY D 29 -19.63 10.69 -11.65
CA GLY D 29 -19.91 11.02 -13.03
C GLY D 29 -20.48 9.90 -13.86
N ALA D 30 -20.70 8.71 -13.28
CA ALA D 30 -21.19 7.57 -14.04
C ALA D 30 -22.67 7.31 -13.84
N LEU D 31 -23.22 7.59 -12.66
CA LEU D 31 -24.63 7.29 -12.40
C LEU D 31 -25.55 8.25 -13.12
N GLY D 32 -25.20 9.53 -13.16
CA GLY D 32 -26.05 10.52 -13.78
C GLY D 32 -27.11 11.06 -12.85
N SER D 33 -27.99 11.87 -13.42
CA SER D 33 -29.06 12.51 -12.66
C SER D 33 -30.41 11.83 -12.80
N ASP D 34 -30.68 11.21 -13.94
CA ASP D 34 -31.93 10.47 -14.15
C ASP D 34 -31.72 9.04 -13.68
N ARG D 35 -32.37 8.68 -12.57
CA ARG D 35 -32.12 7.41 -11.91
C ARG D 35 -33.38 6.57 -11.71
N ALA D 36 -34.51 6.96 -12.30
CA ALA D 36 -35.74 6.20 -12.12
C ALA D 36 -35.62 4.81 -12.74
N GLU D 37 -35.12 4.73 -13.97
CA GLU D 37 -34.99 3.44 -14.64
C GLU D 37 -33.91 2.58 -13.96
N ILE D 38 -32.84 3.21 -13.49
CA ILE D 38 -31.81 2.46 -12.76
C ILE D 38 -32.39 1.88 -11.48
N VAL D 39 -33.19 2.66 -10.76
CA VAL D 39 -33.83 2.18 -9.54
C VAL D 39 -34.76 1.01 -9.86
N ALA D 40 -35.56 1.15 -10.92
CA ALA D 40 -36.49 0.10 -11.29
C ALA D 40 -35.74 -1.19 -11.66
N GLN D 41 -34.65 -1.07 -12.41
CA GLN D 41 -33.89 -2.25 -12.81
C GLN D 41 -33.26 -2.93 -11.61
N ALA D 42 -32.68 -2.16 -10.68
CA ALA D 42 -32.08 -2.75 -9.49
C ALA D 42 -33.13 -3.43 -8.62
N GLN D 43 -34.29 -2.79 -8.46
CA GLN D 43 -35.36 -3.39 -7.67
C GLN D 43 -35.85 -4.67 -8.33
N SER D 44 -35.95 -4.69 -9.66
CA SER D 44 -36.36 -5.91 -10.35
C SER D 44 -35.32 -7.02 -10.17
N PHE D 45 -34.03 -6.66 -10.20
CA PHE D 45 -33.00 -7.66 -9.96
C PHE D 45 -33.12 -8.27 -8.58
N PHE D 46 -33.32 -7.43 -7.56
CA PHE D 46 -33.43 -7.96 -6.20
C PHE D 46 -34.72 -8.75 -6.01
N ASP D 47 -35.81 -8.33 -6.66
CA ASP D 47 -37.05 -9.11 -6.60
C ASP D 47 -36.88 -10.47 -7.26
N GLY D 48 -36.15 -10.53 -8.38
CA GLY D 48 -35.86 -11.81 -9.00
C GLY D 48 -35.00 -12.69 -8.11
N LEU D 49 -34.02 -12.09 -7.44
CA LEU D 49 -33.21 -12.84 -6.47
C LEU D 49 -34.08 -13.42 -5.37
N GLU D 50 -35.01 -12.63 -4.84
CA GLU D 50 -35.91 -13.12 -3.80
C GLU D 50 -36.82 -14.23 -4.32
N THR D 51 -37.32 -14.08 -5.55
CA THR D 51 -38.22 -15.08 -6.12
C THR D 51 -37.50 -16.40 -6.36
N ALA D 52 -36.24 -16.35 -6.83
CA ALA D 52 -35.50 -17.57 -7.12
C ALA D 52 -35.34 -18.44 -5.88
N GLY D 53 -35.23 -17.83 -4.70
CA GLY D 53 -35.20 -18.58 -3.46
C GLY D 53 -33.87 -19.18 -3.09
N LYS D 54 -32.80 -18.90 -3.84
CA LYS D 54 -31.50 -19.45 -3.53
C LYS D 54 -30.66 -18.49 -2.69
N VAL D 55 -30.57 -17.23 -3.11
CA VAL D 55 -29.76 -16.24 -2.42
C VAL D 55 -30.71 -15.31 -1.65
N GLU D 56 -30.51 -15.22 -0.35
CA GLU D 56 -31.30 -14.35 0.51
C GLU D 56 -30.51 -13.08 0.79
N VAL D 57 -31.05 -11.94 0.37
CA VAL D 57 -30.41 -10.65 0.60
C VAL D 57 -30.77 -10.22 2.03
N ARG D 58 -29.81 -10.36 2.95
CA ARG D 58 -30.08 -9.96 4.33
C ARG D 58 -30.24 -8.45 4.45
N GLY D 59 -29.44 -7.68 3.71
CA GLY D 59 -29.58 -6.24 3.82
C GLY D 59 -28.80 -5.49 2.76
N ILE D 60 -29.21 -4.24 2.57
CA ILE D 60 -28.49 -3.28 1.76
C ILE D 60 -28.21 -2.06 2.63
N TYR D 61 -26.95 -1.65 2.69
CA TYR D 61 -26.51 -0.66 3.67
C TYR D 61 -25.83 0.52 2.97
N ASP D 62 -26.15 1.72 3.46
CA ASP D 62 -25.54 2.95 2.96
C ASP D 62 -24.29 3.23 3.79
N LEU D 63 -23.13 3.20 3.12
CA LEU D 63 -21.85 3.41 3.79
C LEU D 63 -21.30 4.82 3.60
N ALA D 64 -22.12 5.76 3.12
CA ALA D 64 -21.65 7.11 2.88
C ALA D 64 -21.16 7.75 4.18
N GLY D 65 -19.98 8.35 4.11
CA GLY D 65 -19.40 9.01 5.27
C GLY D 65 -18.63 8.11 6.20
N CYS D 66 -18.58 6.81 5.94
CA CYS D 66 -17.83 5.90 6.81
C CYS D 66 -16.34 5.92 6.47
N ARG D 67 -16.01 5.64 5.22
CA ARG D 67 -14.62 5.66 4.77
C ARG D 67 -14.58 6.11 3.32
N ALA D 68 -13.38 6.50 2.88
CA ALA D 68 -13.23 7.14 1.58
C ALA D 68 -13.51 6.19 0.43
N GLU D 69 -13.23 4.90 0.60
CA GLU D 69 -13.23 3.96 -0.52
C GLU D 69 -14.49 3.10 -0.59
N ALA D 70 -15.53 3.44 0.16
CA ALA D 70 -16.76 2.64 0.18
C ALA D 70 -17.97 3.54 0.03
N ASP D 71 -18.99 3.02 -0.64
CA ASP D 71 -20.23 3.77 -0.82
C ASP D 71 -21.47 3.01 -0.39
N PHE D 72 -21.54 1.70 -0.64
CA PHE D 72 -22.66 0.92 -0.14
C PHE D 72 -22.24 -0.54 -0.01
N MET D 73 -23.13 -1.33 0.59
CA MET D 73 -22.81 -2.72 0.91
C MET D 73 -24.05 -3.59 0.73
N ILE D 74 -23.84 -4.81 0.25
CA ILE D 74 -24.90 -5.81 0.15
C ILE D 74 -24.50 -7.01 1.00
N TRP D 75 -25.35 -7.38 1.96
CA TRP D 75 -25.16 -8.56 2.77
C TRP D 75 -26.16 -9.61 2.29
N TRP D 76 -25.65 -10.70 1.71
CA TRP D 76 -26.51 -11.77 1.24
C TRP D 76 -25.94 -13.13 1.60
N ILE D 77 -26.84 -14.10 1.75
CA ILE D 77 -26.53 -15.43 2.28
C ILE D 77 -27.16 -16.48 1.37
N ALA D 78 -26.41 -17.55 1.11
CA ALA D 78 -26.91 -18.65 0.29
C ALA D 78 -26.34 -19.95 0.79
N GLU D 79 -27.06 -21.05 0.49
CA GLU D 79 -26.60 -22.37 0.91
C GLU D 79 -25.30 -22.77 0.22
N GLU D 80 -25.19 -22.49 -1.07
CA GLU D 80 -24.01 -22.83 -1.85
C GLU D 80 -23.29 -21.55 -2.28
N PHE D 81 -21.95 -21.60 -2.27
CA PHE D 81 -21.18 -20.44 -2.68
C PHE D 81 -21.29 -20.16 -4.17
N GLU D 82 -21.62 -21.18 -4.97
CA GLU D 82 -21.83 -20.95 -6.40
C GLU D 82 -23.00 -19.99 -6.63
N GLU D 83 -24.05 -20.10 -5.80
CA GLU D 83 -25.18 -19.20 -5.93
C GLU D 83 -24.79 -17.76 -5.60
N ILE D 84 -23.95 -17.57 -4.58
CA ILE D 84 -23.47 -16.23 -4.26
C ILE D 84 -22.61 -15.69 -5.39
N GLN D 85 -21.75 -16.54 -5.97
CA GLN D 85 -20.94 -16.12 -7.11
C GLN D 85 -21.82 -15.68 -8.27
N ALA D 86 -22.86 -16.47 -8.57
CA ALA D 86 -23.75 -16.13 -9.67
C ALA D 86 -24.49 -14.83 -9.42
N ALA D 87 -24.98 -14.64 -8.19
CA ALA D 87 -25.68 -13.41 -7.86
C ALA D 87 -24.76 -12.19 -7.97
N PHE D 88 -23.53 -12.32 -7.46
CA PHE D 88 -22.58 -11.22 -7.49
C PHE D 88 -22.22 -10.85 -8.93
N ALA D 89 -21.89 -11.86 -9.74
CA ALA D 89 -21.56 -11.61 -11.14
C ALA D 89 -22.74 -11.02 -11.89
N ARG D 90 -23.95 -11.53 -11.63
N ARG D 90 -23.95 -11.53 -11.63
N ARG D 90 -23.95 -11.53 -11.63
CA ARG D 90 -25.12 -11.01 -12.31
CA ARG D 90 -25.13 -11.01 -12.31
CA ARG D 90 -25.13 -11.01 -12.31
C ARG D 90 -25.40 -9.56 -11.92
C ARG D 90 -25.41 -9.57 -11.92
C ARG D 90 -25.41 -9.57 -11.92
N PHE D 91 -25.20 -9.23 -10.64
CA PHE D 91 -25.38 -7.84 -10.21
C PHE D 91 -24.39 -6.93 -10.90
N ARG D 92 -23.14 -7.38 -11.03
CA ARG D 92 -22.14 -6.55 -11.72
C ARG D 92 -22.36 -6.50 -13.22
N ARG D 93 -23.05 -7.48 -13.80
CA ARG D 93 -23.11 -7.61 -15.26
C ARG D 93 -24.40 -7.07 -15.87
N GLU D 94 -25.55 -7.28 -15.23
CA GLU D 94 -26.84 -7.03 -15.85
C GLU D 94 -27.61 -5.87 -15.24
N THR D 95 -27.02 -5.15 -14.30
CA THR D 95 -27.66 -3.98 -13.71
C THR D 95 -26.78 -2.76 -13.92
N VAL D 96 -27.41 -1.62 -14.23
CA VAL D 96 -26.66 -0.39 -14.42
C VAL D 96 -25.97 0.02 -13.12
N LEU D 97 -26.64 -0.20 -11.99
CA LEU D 97 -26.04 0.10 -10.70
C LEU D 97 -24.76 -0.70 -10.48
N GLY D 98 -24.78 -1.99 -10.85
CA GLY D 98 -23.57 -2.79 -10.77
C GLY D 98 -22.50 -2.34 -11.74
N GLN D 99 -22.90 -1.87 -12.94
CA GLN D 99 -21.92 -1.50 -13.95
C GLN D 99 -21.22 -0.19 -13.62
N VAL D 100 -21.89 0.71 -12.91
CA VAL D 100 -21.32 2.03 -12.61
C VAL D 100 -20.66 2.05 -11.24
N SER D 101 -20.44 0.89 -10.63
CA SER D 101 -19.79 0.79 -9.33
C SER D 101 -18.61 -0.16 -9.43
N GLU D 102 -17.64 0.03 -8.54
CA GLU D 102 -16.47 -0.84 -8.49
C GLU D 102 -16.42 -1.56 -7.16
N VAL D 103 -16.08 -2.84 -7.19
CA VAL D 103 -15.97 -3.62 -5.96
C VAL D 103 -14.77 -3.12 -5.17
N ALA D 104 -15.00 -2.73 -3.91
CA ALA D 104 -13.93 -2.25 -3.05
C ALA D 104 -13.42 -3.29 -2.09
N TRP D 105 -14.28 -4.19 -1.63
CA TRP D 105 -13.90 -5.19 -0.65
C TRP D 105 -14.98 -6.26 -0.58
N LEU D 106 -14.56 -7.51 -0.40
CA LEU D 106 -15.48 -8.64 -0.30
C LEU D 106 -15.18 -9.41 0.97
N GLY D 107 -16.20 -9.59 1.80
CA GLY D 107 -16.07 -10.39 3.00
C GLY D 107 -16.87 -11.68 2.94
N ASN D 108 -16.18 -12.81 2.80
CA ASN D 108 -16.82 -14.11 2.65
C ASN D 108 -16.64 -14.92 3.93
N SER D 109 -17.65 -15.74 4.22
CA SER D 109 -17.61 -16.55 5.44
C SER D 109 -18.56 -17.73 5.28
N LEU D 110 -18.28 -18.78 6.05
CA LEU D 110 -19.08 -20.00 6.06
C LEU D 110 -19.44 -20.33 7.50
N HIS D 111 -20.74 -20.52 7.76
CA HIS D 111 -21.20 -20.68 9.14
C HIS D 111 -20.75 -22.02 9.71
N ARG D 112 -20.20 -21.97 10.92
CA ARG D 112 -19.74 -23.15 11.64
C ARG D 112 -20.08 -22.99 13.11
N PRO D 113 -20.27 -24.10 13.83
CA PRO D 113 -20.54 -24.00 15.27
C PRO D 113 -19.33 -23.48 16.02
N ALA D 114 -19.60 -22.81 17.14
CA ALA D 114 -18.54 -22.26 17.96
C ALA D 114 -17.71 -23.36 18.60
N GLU D 115 -16.48 -23.01 18.97
CA GLU D 115 -15.56 -24.00 19.52
C GLU D 115 -16.01 -24.49 20.90
N PHE D 116 -16.42 -23.57 21.77
CA PHE D 116 -16.75 -23.90 23.15
C PHE D 116 -18.22 -23.67 23.47
N ASN D 117 -18.72 -22.45 23.27
CA ASN D 117 -20.11 -22.11 23.59
C ASN D 117 -20.95 -22.36 22.35
N ARG D 118 -21.45 -23.59 22.22
CA ARG D 118 -22.23 -23.96 21.04
C ARG D 118 -23.62 -23.33 21.03
N SER D 119 -24.05 -22.70 22.13
CA SER D 119 -25.30 -21.96 22.15
C SER D 119 -25.18 -20.58 21.52
N HIS D 120 -23.96 -20.12 21.25
CA HIS D 120 -23.74 -18.83 20.59
C HIS D 120 -23.82 -19.03 19.08
N LEU D 121 -24.80 -18.39 18.45
CA LEU D 121 -25.01 -18.55 17.02
C LEU D 121 -25.10 -17.18 16.37
N PRO D 122 -24.76 -17.07 15.08
CA PRO D 122 -24.90 -15.80 14.38
C PRO D 122 -26.35 -15.34 14.34
N SER D 123 -26.54 -14.03 14.40
CA SER D 123 -27.89 -13.46 14.40
C SER D 123 -28.64 -13.80 13.12
N PHE D 124 -27.93 -13.91 11.99
CA PHE D 124 -28.60 -14.28 10.75
C PHE D 124 -28.95 -15.76 10.70
N ILE D 125 -28.20 -16.61 11.41
CA ILE D 125 -28.55 -18.02 11.49
C ILE D 125 -29.82 -18.20 12.33
N MET D 126 -29.95 -17.43 13.41
CA MET D 126 -31.12 -17.51 14.27
C MET D 126 -32.33 -16.79 13.69
N GLY D 127 -32.19 -16.14 12.54
CA GLY D 127 -33.31 -15.49 11.89
C GLY D 127 -33.87 -14.28 12.61
N GLU D 128 -33.01 -13.48 13.23
CA GLU D 128 -33.46 -12.27 13.90
C GLU D 128 -33.65 -11.15 12.88
N ILE D 129 -34.42 -10.15 13.30
CA ILE D 129 -34.65 -8.98 12.43
C ILE D 129 -33.38 -8.16 12.35
N PRO D 130 -32.89 -7.82 11.15
CA PRO D 130 -31.66 -7.04 11.05
C PRO D 130 -31.82 -5.67 11.70
N GLY D 131 -30.73 -5.20 12.30
CA GLY D 131 -30.73 -3.91 12.97
C GLY D 131 -30.65 -2.76 11.99
N ASP D 132 -30.96 -1.56 12.51
CA ASP D 132 -30.92 -0.36 11.67
C ASP D 132 -29.50 0.03 11.32
N TRP D 133 -28.53 -0.30 12.17
CA TRP D 133 -27.14 0.04 11.95
C TRP D 133 -26.29 -1.21 12.01
N ILE D 134 -25.27 -1.29 11.16
CA ILE D 134 -24.37 -2.43 11.13
C ILE D 134 -22.93 -1.94 11.08
N THR D 135 -22.05 -2.75 11.67
CA THR D 135 -20.61 -2.61 11.48
C THR D 135 -20.06 -3.97 11.10
N VAL D 136 -19.10 -3.98 10.17
CA VAL D 136 -18.56 -5.21 9.61
C VAL D 136 -17.06 -5.07 9.49
N TYR D 137 -16.32 -6.10 9.94
CA TYR D 137 -14.88 -6.08 9.74
C TYR D 137 -14.35 -7.50 9.77
N PRO D 138 -13.25 -7.76 9.08
CA PRO D 138 -12.58 -9.06 9.20
C PRO D 138 -11.70 -9.10 10.43
N PHE D 139 -11.22 -10.30 10.75
CA PHE D 139 -10.45 -10.51 11.97
C PHE D 139 -9.45 -11.62 11.75
N VAL D 140 -8.23 -11.40 12.24
CA VAL D 140 -7.17 -12.40 12.21
C VAL D 140 -6.59 -12.50 13.61
N ARG D 141 -6.58 -13.71 14.16
CA ARG D 141 -6.05 -13.92 15.50
C ARG D 141 -4.53 -14.01 15.46
N SER D 142 -3.92 -14.04 16.64
CA SER D 142 -2.48 -14.19 16.74
C SER D 142 -2.05 -15.57 16.27
N TYR D 143 -0.76 -15.71 15.98
CA TYR D 143 -0.25 -16.96 15.43
C TYR D 143 -0.39 -18.11 16.42
N ASP D 144 -0.20 -17.84 17.70
CA ASP D 144 -0.25 -18.88 18.73
C ASP D 144 -1.63 -19.04 19.36
N TRP D 145 -2.64 -18.36 18.83
CA TRP D 145 -3.95 -18.36 19.45
C TRP D 145 -4.58 -19.75 19.45
N TYR D 146 -4.48 -20.47 18.34
CA TYR D 146 -5.19 -21.75 18.23
C TYR D 146 -4.45 -22.90 18.89
N ILE D 147 -3.11 -22.81 19.01
CA ILE D 147 -2.36 -23.85 19.71
C ILE D 147 -2.21 -23.56 21.19
N MET D 148 -2.80 -22.46 21.67
CA MET D 148 -2.85 -22.19 23.10
C MET D 148 -3.56 -23.32 23.82
N ASP D 149 -3.28 -23.44 25.12
CA ASP D 149 -3.94 -24.43 25.96
C ASP D 149 -5.46 -24.27 25.84
N PRO D 150 -6.19 -25.33 25.48
CA PRO D 150 -7.64 -25.16 25.25
C PRO D 150 -8.39 -24.60 26.44
N GLN D 151 -8.00 -24.95 27.66
CA GLN D 151 -8.67 -24.38 28.82
C GLN D 151 -8.40 -22.88 28.94
N LYS D 152 -7.16 -22.47 28.69
CA LYS D 152 -6.83 -21.04 28.75
C LYS D 152 -7.60 -20.25 27.70
N ARG D 153 -7.64 -20.77 26.47
CA ARG D 153 -8.38 -20.10 25.41
C ARG D 153 -9.87 -20.07 25.72
N ARG D 154 -10.40 -21.16 26.27
CA ARG D 154 -11.81 -21.20 26.64
C ARG D 154 -12.14 -20.17 27.71
N LYS D 155 -11.27 -20.04 28.71
CA LYS D 155 -11.48 -19.03 29.76
C LYS D 155 -11.40 -17.63 29.19
N ILE D 156 -10.44 -17.39 28.29
CA ILE D 156 -10.32 -16.07 27.68
C ILE D 156 -11.57 -15.73 26.88
N LEU D 157 -12.06 -16.70 26.10
CA LEU D 157 -13.26 -16.47 25.30
C LEU D 157 -14.49 -16.29 26.17
N ALA D 158 -14.56 -17.00 27.29
CA ALA D 158 -15.68 -16.83 28.21
C ALA D 158 -15.68 -15.44 28.82
N GLU D 159 -14.51 -14.94 29.24
CA GLU D 159 -14.42 -13.59 29.78
C GLU D 159 -14.77 -12.57 28.72
N HIS D 160 -14.32 -12.81 27.47
CA HIS D 160 -14.62 -11.92 26.35
C HIS D 160 -16.12 -11.81 26.17
N GLY D 161 -16.81 -12.96 26.05
CA GLY D 161 -18.25 -12.96 25.87
C GLY D 161 -18.94 -12.28 27.03
N GLN D 162 -18.48 -12.56 28.26
CA GLN D 162 -19.12 -11.99 29.43
C GLN D 162 -18.95 -10.47 29.47
N ALA D 163 -17.86 -9.96 28.90
CA ALA D 163 -17.66 -8.50 28.88
C ALA D 163 -18.73 -7.76 28.09
N ALA D 164 -19.47 -8.46 27.22
CA ALA D 164 -20.55 -7.86 26.46
C ALA D 164 -21.92 -8.12 27.09
N ARG D 165 -21.95 -8.25 28.42
CA ARG D 165 -23.21 -8.54 29.09
C ARG D 165 -24.19 -7.37 29.03
N ASP D 166 -23.68 -6.14 28.90
CA ASP D 166 -24.48 -4.94 29.01
C ASP D 166 -24.99 -4.45 27.65
N PHE D 167 -24.79 -5.21 26.59
CA PHE D 167 -25.25 -4.84 25.26
C PHE D 167 -26.07 -5.98 24.65
N PRO D 168 -27.23 -6.29 25.23
CA PRO D 168 -28.09 -7.31 24.61
C PRO D 168 -28.77 -6.83 23.34
N ASP D 169 -28.87 -5.52 23.14
CA ASP D 169 -29.48 -4.97 21.94
C ASP D 169 -28.56 -5.03 20.73
N VAL D 170 -27.28 -5.32 20.93
CA VAL D 170 -26.33 -5.47 19.83
C VAL D 170 -26.17 -6.95 19.53
N ARG D 171 -26.55 -7.35 18.33
CA ARG D 171 -26.48 -8.75 17.90
C ARG D 171 -25.20 -8.97 17.13
N ALA D 172 -24.50 -10.06 17.46
CA ALA D 172 -23.19 -10.35 16.91
C ALA D 172 -23.26 -11.53 15.94
N ASN D 173 -22.49 -11.44 14.86
CA ASN D 173 -22.33 -12.51 13.89
C ASN D 173 -20.82 -12.74 13.75
N THR D 174 -20.36 -13.89 14.22
CA THR D 174 -18.95 -14.28 14.16
C THR D 174 -18.86 -15.53 13.30
N VAL D 175 -18.32 -15.39 12.09
CA VAL D 175 -18.35 -16.50 11.14
C VAL D 175 -16.93 -16.84 10.68
N PRO D 176 -16.55 -18.11 10.60
CA PRO D 176 -15.22 -18.45 10.08
C PRO D 176 -15.07 -18.00 8.64
N ALA D 177 -13.86 -17.54 8.30
CA ALA D 177 -13.58 -17.02 6.97
C ALA D 177 -12.30 -17.60 6.38
N PHE D 178 -11.85 -18.76 6.87
CA PHE D 178 -10.62 -19.35 6.39
C PHE D 178 -10.75 -19.77 4.93
N ALA D 179 -9.69 -19.51 4.16
CA ALA D 179 -9.56 -19.93 2.77
C ALA D 179 -10.58 -19.24 1.86
N LEU D 180 -11.40 -18.34 2.39
CA LEU D 180 -12.31 -17.53 1.61
C LEU D 180 -11.80 -16.11 1.41
N GLY D 181 -10.53 -15.87 1.73
CA GLY D 181 -9.96 -14.54 1.66
C GLY D 181 -8.68 -14.49 2.47
N ASP D 182 -8.30 -13.26 2.83
CA ASP D 182 -7.07 -13.02 3.57
C ASP D 182 -7.25 -13.09 5.08
N TYR D 183 -8.43 -13.49 5.55
CA TYR D 183 -8.78 -13.36 6.95
C TYR D 183 -9.22 -14.70 7.52
N GLU D 184 -9.34 -14.74 8.85
CA GLU D 184 -9.74 -15.93 9.58
C GLU D 184 -11.19 -15.88 10.04
N TRP D 185 -11.69 -14.70 10.42
CA TRP D 185 -13.05 -14.55 10.90
C TRP D 185 -13.66 -13.31 10.26
N MET D 186 -14.99 -13.30 10.21
CA MET D 186 -15.75 -12.16 9.74
C MET D 186 -16.76 -11.80 10.82
N LEU D 187 -16.75 -10.54 11.24
CA LEU D 187 -17.56 -10.09 12.36
C LEU D 187 -18.52 -9.00 11.89
N ALA D 188 -19.79 -9.14 12.26
CA ALA D 188 -20.82 -8.17 11.92
C ALA D 188 -21.70 -7.91 13.13
N PHE D 189 -21.83 -6.65 13.52
CA PHE D 189 -22.61 -6.26 14.68
C PHE D 189 -23.76 -5.38 14.24
N GLU D 190 -24.98 -5.76 14.62
CA GLU D 190 -26.20 -5.05 14.25
C GLU D 190 -26.84 -4.47 15.50
N ALA D 191 -27.25 -3.20 15.43
CA ALA D 191 -27.85 -2.55 16.58
C ALA D 191 -28.83 -1.49 16.10
N PRO D 192 -29.88 -1.22 16.87
CA PRO D 192 -30.79 -0.12 16.49
CA PRO D 192 -30.79 -0.12 16.49
C PRO D 192 -30.12 1.23 16.45
N ARG D 193 -29.11 1.46 17.28
CA ARG D 193 -28.42 2.74 17.35
C ARG D 193 -26.93 2.53 17.15
N LEU D 194 -26.30 3.46 16.43
CA LEU D 194 -24.87 3.37 16.16
C LEU D 194 -24.05 3.61 17.42
N ASP D 195 -24.51 4.49 18.30
CA ASP D 195 -23.77 4.77 19.53
C ASP D 195 -23.65 3.52 20.38
N ARG D 196 -24.63 2.62 20.33
CA ARG D 196 -24.50 1.35 21.05
C ARG D 196 -23.35 0.53 20.50
N ILE D 197 -23.19 0.48 19.18
CA ILE D 197 -22.07 -0.23 18.58
C ILE D 197 -20.75 0.40 18.99
N VAL D 198 -20.69 1.73 18.98
CA VAL D 198 -19.46 2.42 19.37
C VAL D 198 -19.11 2.10 20.82
N ASP D 199 -20.11 2.16 21.70
CA ASP D 199 -19.86 1.88 23.12
C ASP D 199 -19.45 0.43 23.34
N LEU D 200 -20.08 -0.51 22.62
CA LEU D 200 -19.69 -1.91 22.75
C LEU D 200 -18.26 -2.12 22.29
N MET D 201 -17.87 -1.51 21.17
CA MET D 201 -16.50 -1.66 20.69
C MET D 201 -15.50 -1.05 21.67
N HIS D 202 -15.86 0.09 22.27
CA HIS D 202 -15.00 0.69 23.29
C HIS D 202 -14.86 -0.22 24.49
N LYS D 203 -15.96 -0.81 24.96
CA LYS D 203 -15.92 -1.66 26.14
C LYS D 203 -15.17 -2.97 25.88
N MET D 204 -15.26 -3.49 24.65
CA MET D 204 -14.61 -4.75 24.33
C MET D 204 -13.09 -4.65 24.37
N ARG D 205 -12.54 -3.43 24.37
CA ARG D 205 -11.09 -3.28 24.47
C ARG D 205 -10.54 -3.72 25.81
N TYR D 206 -11.39 -3.82 26.83
CA TYR D 206 -10.96 -4.20 28.17
C TYR D 206 -11.04 -5.71 28.39
N THR D 207 -10.46 -6.47 27.47
CA THR D 207 -10.49 -7.92 27.54
C THR D 207 -9.11 -8.48 27.25
N GLU D 208 -8.82 -9.65 27.83
CA GLU D 208 -7.54 -10.30 27.58
C GLU D 208 -7.40 -10.74 26.13
N ALA D 209 -8.51 -11.00 25.45
CA ALA D 209 -8.46 -11.41 24.05
C ALA D 209 -7.79 -10.38 23.16
N ARG D 210 -7.79 -9.10 23.57
CA ARG D 210 -7.11 -8.06 22.80
C ARG D 210 -5.61 -8.32 22.69
N LEU D 211 -5.06 -9.17 23.55
CA LEU D 211 -3.65 -9.53 23.47
C LEU D 211 -3.35 -10.52 22.34
N HIS D 212 -4.38 -11.02 21.66
CA HIS D 212 -4.20 -12.06 20.64
C HIS D 212 -4.87 -11.64 19.33
N VAL D 213 -4.60 -10.41 18.89
CA VAL D 213 -5.18 -9.85 17.69
C VAL D 213 -4.06 -9.48 16.74
N ARG D 214 -4.22 -9.85 15.47
CA ARG D 214 -3.25 -9.51 14.42
C ARG D 214 -3.81 -8.54 13.39
N GLU D 215 -5.09 -8.64 13.05
CA GLU D 215 -5.67 -7.79 12.02
C GLU D 215 -7.17 -7.67 12.27
N GLU D 216 -7.68 -6.44 12.27
CA GLU D 216 -9.11 -6.21 12.46
C GLU D 216 -9.63 -5.09 11.57
N THR D 217 -8.99 -4.84 10.44
CA THR D 217 -9.34 -3.77 9.52
C THR D 217 -9.43 -4.33 8.11
N PRO D 218 -10.18 -3.67 7.22
CA PRO D 218 -10.93 -2.42 7.37
C PRO D 218 -12.30 -2.55 8.03
N PHE D 219 -12.83 -1.44 8.52
CA PHE D 219 -14.17 -1.37 9.10
C PHE D 219 -15.14 -0.80 8.08
N PHE D 220 -16.38 -1.29 8.12
CA PHE D 220 -17.45 -0.77 7.27
C PHE D 220 -18.68 -0.58 8.14
N THR D 221 -19.07 0.68 8.35
CA THR D 221 -20.22 1.03 9.18
C THR D 221 -21.30 1.62 8.29
N GLY D 222 -22.53 1.12 8.43
CA GLY D 222 -23.60 1.54 7.54
C GLY D 222 -24.97 1.51 8.19
N ARG D 223 -25.89 2.19 7.52
CA ARG D 223 -27.30 2.24 7.92
C ARG D 223 -28.12 1.46 6.92
N ARG D 224 -28.97 0.56 7.42
CA ARG D 224 -29.80 -0.24 6.54
CA ARG D 224 -29.80 -0.24 6.54
C ARG D 224 -30.86 0.61 5.86
N VAL D 225 -31.09 0.35 4.58
CA VAL D 225 -32.11 1.05 3.80
C VAL D 225 -33.27 0.11 3.57
N SER D 226 -34.48 0.69 3.53
CA SER D 226 -35.67 -0.12 3.34
C SER D 226 -35.76 -0.67 1.92
N GLU D 227 -35.31 0.11 0.94
CA GLU D 227 -35.36 -0.30 -0.45
C GLU D 227 -34.18 0.30 -1.20
N VAL D 228 -33.89 -0.28 -2.37
CA VAL D 228 -32.72 0.13 -3.14
C VAL D 228 -32.87 1.54 -3.67
N SER D 229 -34.10 2.06 -3.81
CA SER D 229 -34.28 3.42 -4.29
C SER D 229 -33.67 4.43 -3.32
N GLU D 230 -33.85 4.20 -2.02
CA GLU D 230 -33.28 5.10 -1.02
C GLU D 230 -31.76 5.15 -1.13
N LEU D 231 -31.14 4.02 -1.44
CA LEU D 231 -29.68 4.01 -1.61
C LEU D 231 -29.27 4.70 -2.90
N VAL D 232 -29.96 4.41 -4.00
CA VAL D 232 -29.56 4.94 -5.30
C VAL D 232 -29.73 6.45 -5.33
N ASN D 233 -30.77 6.97 -4.68
CA ASN D 233 -31.03 8.41 -4.76
C ASN D 233 -30.00 9.25 -4.02
N VAL D 234 -29.13 8.65 -3.21
CA VAL D 234 -28.12 9.41 -2.46
C VAL D 234 -26.72 9.20 -2.99
N LEU D 235 -26.51 8.29 -3.93
CA LEU D 235 -25.18 8.05 -4.46
C LEU D 235 -24.71 9.26 -5.28
N PRO D 236 -23.40 9.51 -5.31
CA PRO D 236 -22.89 10.62 -6.13
C PRO D 236 -23.16 10.39 -7.60
N GLY D 237 -23.41 11.49 -8.31
CA GLY D 237 -23.74 11.42 -9.72
C GLY D 237 -22.64 10.87 -10.60
N ASN E 8 -23.16 22.24 34.42
CA ASN E 8 -23.20 22.11 32.97
C ASN E 8 -22.24 21.03 32.49
N PHE E 9 -21.23 20.72 33.32
CA PHE E 9 -20.24 19.73 32.93
C PHE E 9 -20.86 18.35 32.75
N GLU E 10 -21.81 17.99 33.62
CA GLU E 10 -22.51 16.72 33.44
C GLU E 10 -23.31 16.72 32.13
N GLU E 11 -23.98 17.82 31.82
CA GLU E 11 -24.72 17.93 30.57
C GLU E 11 -23.79 17.83 29.37
N LEU E 12 -22.63 18.49 29.44
CA LEU E 12 -21.66 18.42 28.35
C LEU E 12 -21.13 16.99 28.18
N ASN E 13 -20.86 16.30 29.28
CA ASN E 13 -20.37 14.93 29.19
C ASN E 13 -21.42 13.98 28.66
N SER E 14 -22.69 14.22 28.98
CA SER E 14 -23.77 13.35 28.54
C SER E 14 -24.31 13.72 27.16
N MET E 15 -23.86 14.83 26.58
CA MET E 15 -24.34 15.25 25.27
C MET E 15 -23.86 14.30 24.18
N GLN E 16 -24.73 14.04 23.21
CA GLN E 16 -24.42 13.18 22.08
C GLN E 16 -24.05 14.04 20.88
N ARG E 17 -22.83 13.88 20.38
CA ARG E 17 -22.37 14.66 19.24
C ARG E 17 -21.45 13.81 18.38
N TYR E 18 -21.84 13.60 17.13
CA TYR E 18 -20.97 12.99 16.13
C TYR E 18 -20.20 14.09 15.41
N SER E 19 -18.92 13.84 15.18
CA SER E 19 -18.05 14.78 14.51
C SER E 19 -17.35 14.09 13.34
N GLN E 20 -17.16 14.83 12.24
CA GLN E 20 -16.51 14.27 11.07
C GLN E 20 -15.55 15.29 10.47
N PHE E 21 -14.34 14.81 10.17
CA PHE E 21 -13.38 15.50 9.31
C PHE E 21 -13.42 14.83 7.95
N ALA E 22 -13.99 15.51 6.95
CA ALA E 22 -14.06 15.00 5.59
C ALA E 22 -12.95 15.68 4.79
N VAL E 23 -11.97 14.88 4.37
CA VAL E 23 -10.81 15.39 3.63
C VAL E 23 -11.02 15.10 2.15
N PHE E 24 -10.87 16.14 1.33
CA PHE E 24 -11.07 16.04 -0.10
C PHE E 24 -9.81 16.45 -0.86
N ARG E 25 -9.61 15.81 -1.99
CA ARG E 25 -8.48 16.07 -2.88
CA ARG E 25 -8.48 16.07 -2.87
C ARG E 25 -9.02 16.58 -4.20
N ALA E 26 -8.47 17.69 -4.67
CA ALA E 26 -8.91 18.29 -5.93
C ALA E 26 -8.38 17.48 -7.11
N ILE E 27 -9.23 17.31 -8.12
CA ILE E 27 -8.84 16.65 -9.37
C ILE E 27 -8.34 17.72 -10.32
N PRO E 28 -7.06 17.74 -10.70
CA PRO E 28 -6.57 18.77 -11.61
C PRO E 28 -7.28 18.70 -12.96
N GLY E 29 -7.55 19.86 -13.52
CA GLY E 29 -8.23 19.96 -14.80
C GLY E 29 -9.74 19.86 -14.74
N ALA E 30 -10.33 19.71 -13.56
CA ALA E 30 -11.77 19.54 -13.44
C ALA E 30 -12.49 20.80 -12.96
N LEU E 31 -11.83 21.63 -12.15
CA LEU E 31 -12.50 22.81 -11.61
C LEU E 31 -12.62 23.91 -12.65
N GLY E 32 -11.62 24.07 -13.51
CA GLY E 32 -11.65 25.13 -14.50
C GLY E 32 -11.13 26.45 -13.96
N SER E 33 -11.34 27.49 -14.77
CA SER E 33 -10.87 28.83 -14.43
C SER E 33 -11.97 29.78 -14.01
N ASP E 34 -13.20 29.58 -14.47
CA ASP E 34 -14.33 30.41 -14.08
C ASP E 34 -15.01 29.74 -12.89
N ARG E 35 -14.90 30.37 -11.71
CA ARG E 35 -15.32 29.74 -10.47
C ARG E 35 -16.33 30.57 -9.68
N ALA E 36 -16.88 31.63 -10.26
CA ALA E 36 -17.84 32.46 -9.53
C ALA E 36 -19.11 31.68 -9.21
N GLU E 37 -19.66 30.98 -10.21
CA GLU E 37 -20.89 30.22 -9.97
C GLU E 37 -20.65 29.04 -9.05
N ILE E 38 -19.48 28.41 -9.15
CA ILE E 38 -19.13 27.32 -8.23
C ILE E 38 -19.06 27.83 -6.80
N VAL E 39 -18.42 29.00 -6.60
CA VAL E 39 -18.34 29.60 -5.28
C VAL E 39 -19.74 29.92 -4.75
N ALA E 40 -20.59 30.50 -5.60
CA ALA E 40 -21.95 30.84 -5.17
C ALA E 40 -22.73 29.59 -4.78
N GLN E 41 -22.62 28.52 -5.56
CA GLN E 41 -23.34 27.30 -5.26
C GLN E 41 -22.86 26.67 -3.96
N ALA E 42 -21.54 26.63 -3.75
CA ALA E 42 -21.01 26.07 -2.51
C ALA E 42 -21.43 26.89 -1.30
N GLN E 43 -21.38 28.22 -1.43
CA GLN E 43 -21.81 29.09 -0.33
C GLN E 43 -23.29 28.90 -0.03
N SER E 44 -24.11 28.75 -1.07
CA SER E 44 -25.53 28.49 -0.86
C SER E 44 -25.75 27.16 -0.17
N PHE E 45 -24.98 26.13 -0.54
CA PHE E 45 -25.10 24.84 0.13
C PHE E 45 -24.78 24.95 1.62
N PHE E 46 -23.68 25.65 1.94
CA PHE E 46 -23.32 25.77 3.35
C PHE E 46 -24.30 26.66 4.11
N ASP E 47 -24.85 27.69 3.46
CA ASP E 47 -25.87 28.51 4.11
C ASP E 47 -27.13 27.71 4.38
N GLY E 48 -27.52 26.84 3.44
CA GLY E 48 -28.65 25.97 3.69
C GLY E 48 -28.40 24.99 4.82
N LEU E 49 -27.17 24.47 4.89
CA LEU E 49 -26.80 23.60 6.01
C LEU E 49 -26.94 24.34 7.33
N GLU E 50 -26.46 25.58 7.38
CA GLU E 50 -26.58 26.36 8.62
C GLU E 50 -28.03 26.65 8.95
N THR E 51 -28.85 26.98 7.94
CA THR E 51 -30.25 27.30 8.18
C THR E 51 -31.02 26.09 8.69
N ALA E 52 -30.73 24.90 8.15
CA ALA E 52 -31.45 23.70 8.57
C ALA E 52 -31.27 23.42 10.05
N GLY E 53 -30.12 23.77 10.62
CA GLY E 53 -29.90 23.64 12.04
C GLY E 53 -29.56 22.26 12.53
N LYS E 54 -29.34 21.30 11.64
CA LYS E 54 -29.02 19.93 12.03
C LYS E 54 -27.50 19.68 12.05
N VAL E 55 -26.80 20.09 11.00
CA VAL E 55 -25.36 19.88 10.89
C VAL E 55 -24.67 21.23 11.06
N GLU E 56 -23.76 21.31 12.02
CA GLU E 56 -23.00 22.52 12.28
C GLU E 56 -21.62 22.36 11.67
N VAL E 57 -21.30 23.23 10.71
CA VAL E 57 -19.99 23.23 10.06
C VAL E 57 -19.03 23.96 10.98
N ARG E 58 -18.18 23.21 11.69
CA ARG E 58 -17.22 23.85 12.59
C ARG E 58 -16.17 24.62 11.81
N GLY E 59 -15.72 24.09 10.68
CA GLY E 59 -14.70 24.80 9.93
C GLY E 59 -14.48 24.21 8.55
N ILE E 60 -13.89 25.05 7.69
CA ILE E 60 -13.38 24.64 6.39
C ILE E 60 -11.92 25.02 6.34
N TYR E 61 -11.06 24.06 6.02
CA TYR E 61 -9.62 24.21 6.16
C TYR E 61 -8.92 23.95 4.84
N ASP E 62 -7.93 24.79 4.55
CA ASP E 62 -7.09 24.64 3.37
C ASP E 62 -5.90 23.77 3.71
N LEU E 63 -5.80 22.61 3.08
CA LEU E 63 -4.74 21.64 3.34
C LEU E 63 -3.63 21.69 2.29
N ALA E 64 -3.59 22.73 1.46
CA ALA E 64 -2.58 22.81 0.41
C ALA E 64 -1.19 22.85 1.02
N GLY E 65 -0.29 22.02 0.48
CA GLY E 65 1.07 21.96 0.94
C GLY E 65 1.32 21.05 2.12
N CYS E 66 0.28 20.45 2.70
CA CYS E 66 0.47 19.56 3.83
C CYS E 66 0.93 18.17 3.38
N ARG E 67 0.15 17.54 2.50
CA ARG E 67 0.50 16.21 1.99
C ARG E 67 0.00 16.10 0.56
N ALA E 68 0.53 15.09 -0.14
CA ALA E 68 0.30 15.00 -1.58
C ALA E 68 -1.13 14.66 -1.94
N GLU E 69 -1.86 13.95 -1.06
CA GLU E 69 -3.16 13.39 -1.41
C GLU E 69 -4.32 14.15 -0.78
N ALA E 70 -4.11 15.37 -0.31
CA ALA E 70 -5.17 16.14 0.33
C ALA E 70 -5.15 17.57 -0.18
N ASP E 71 -6.33 18.16 -0.29
CA ASP E 71 -6.43 19.55 -0.73
C ASP E 71 -7.24 20.44 0.19
N PHE E 72 -8.32 19.92 0.78
CA PHE E 72 -9.05 20.71 1.77
C PHE E 72 -9.81 19.77 2.69
N MET E 73 -10.40 20.35 3.72
CA MET E 73 -11.06 19.54 4.76
C MET E 73 -12.27 20.29 5.29
N ILE E 74 -13.33 19.55 5.60
CA ILE E 74 -14.52 20.10 6.23
C ILE E 74 -14.69 19.42 7.58
N TRP E 75 -14.75 20.21 8.65
CA TRP E 75 -15.02 19.71 9.98
C TRP E 75 -16.44 20.11 10.35
N TRP E 76 -17.31 19.11 10.52
CA TRP E 76 -18.70 19.36 10.86
C TRP E 76 -19.22 18.36 11.88
N ILE E 77 -20.21 18.82 12.66
CA ILE E 77 -20.72 18.11 13.84
C ILE E 77 -22.24 18.09 13.79
N ALA E 78 -22.82 16.94 14.10
CA ALA E 78 -24.28 16.82 14.17
C ALA E 78 -24.66 15.87 15.28
N GLU E 79 -25.89 16.03 15.78
CA GLU E 79 -26.38 15.17 16.86
C GLU E 79 -26.51 13.72 16.41
N GLU E 80 -27.02 13.50 15.20
CA GLU E 80 -27.21 12.16 14.66
C GLU E 80 -26.25 11.94 13.51
N PHE E 81 -25.72 10.71 13.41
CA PHE E 81 -24.76 10.42 12.35
C PHE E 81 -25.43 10.37 10.98
N GLU E 82 -26.73 10.04 10.93
CA GLU E 82 -27.43 10.04 9.65
C GLU E 82 -27.50 11.44 9.06
N GLU E 83 -27.57 12.47 9.91
CA GLU E 83 -27.52 13.84 9.41
C GLU E 83 -26.19 14.15 8.75
N ILE E 84 -25.09 13.68 9.35
CA ILE E 84 -23.77 13.87 8.76
C ILE E 84 -23.68 13.10 7.45
N GLN E 85 -24.22 11.88 7.42
CA GLN E 85 -24.25 11.11 6.17
C GLN E 85 -24.99 11.86 5.08
N ALA E 86 -26.16 12.40 5.41
CA ALA E 86 -26.95 13.13 4.43
C ALA E 86 -26.22 14.36 3.93
N ALA E 87 -25.59 15.12 4.85
CA ALA E 87 -24.86 16.31 4.43
C ALA E 87 -23.68 15.96 3.53
N PHE E 88 -22.94 14.91 3.88
CA PHE E 88 -21.79 14.49 3.09
C PHE E 88 -22.22 14.05 1.69
N ALA E 89 -23.29 13.23 1.62
CA ALA E 89 -23.78 12.79 0.33
C ALA E 89 -24.29 13.95 -0.50
N ARG E 90 -24.99 14.90 0.12
N ARG E 90 -25.00 14.90 0.12
CA ARG E 90 -25.50 16.04 -0.62
CA ARG E 90 -25.51 16.05 -0.61
C ARG E 90 -24.37 16.93 -1.11
C ARG E 90 -24.37 16.93 -1.11
N PHE E 91 -23.32 17.11 -0.32
CA PHE E 91 -22.17 17.88 -0.77
C PHE E 91 -21.51 17.22 -1.97
N ARG E 92 -21.39 15.89 -1.94
CA ARG E 92 -20.77 15.20 -3.08
C ARG E 92 -21.69 15.15 -4.29
N ARG E 93 -23.00 15.27 -4.10
CA ARG E 93 -23.95 15.03 -5.17
C ARG E 93 -24.47 16.30 -5.85
N GLU E 94 -24.74 17.36 -5.09
CA GLU E 94 -25.47 18.51 -5.60
C GLU E 94 -24.63 19.77 -5.70
N THR E 95 -23.32 19.69 -5.48
CA THR E 95 -22.42 20.82 -5.62
C THR E 95 -21.33 20.48 -6.62
N VAL E 96 -20.98 21.46 -7.46
CA VAL E 96 -19.90 21.24 -8.43
C VAL E 96 -18.58 21.00 -7.71
N LEU E 97 -18.36 21.73 -6.60
CA LEU E 97 -17.13 21.54 -5.83
C LEU E 97 -17.02 20.11 -5.31
N GLY E 98 -18.14 19.56 -4.83
CA GLY E 98 -18.13 18.16 -4.42
C GLY E 98 -17.96 17.20 -5.57
N GLN E 99 -18.50 17.53 -6.74
CA GLN E 99 -18.42 16.63 -7.88
C GLN E 99 -17.02 16.57 -8.48
N VAL E 100 -16.26 17.65 -8.37
CA VAL E 100 -14.93 17.72 -8.98
C VAL E 100 -13.83 17.37 -7.97
N SER E 101 -14.19 16.77 -6.84
CA SER E 101 -13.24 16.40 -5.80
C SER E 101 -13.41 14.94 -5.44
N GLU E 102 -12.32 14.32 -4.99
CA GLU E 102 -12.35 12.96 -4.50
C GLU E 102 -12.26 12.96 -2.99
N VAL E 103 -12.85 11.94 -2.36
CA VAL E 103 -12.75 11.77 -0.92
C VAL E 103 -11.44 11.05 -0.62
N ALA E 104 -10.54 11.72 0.10
CA ALA E 104 -9.24 11.14 0.40
C ALA E 104 -9.22 10.40 1.73
N TRP E 105 -9.96 10.90 2.73
CA TRP E 105 -9.92 10.32 4.07
C TRP E 105 -11.09 10.86 4.86
N LEU E 106 -11.68 10.01 5.69
CA LEU E 106 -12.80 10.40 6.55
C LEU E 106 -12.47 10.04 7.99
N GLY E 107 -12.55 11.03 8.88
CA GLY E 107 -12.36 10.79 10.30
C GLY E 107 -13.63 11.00 11.09
N ASN E 108 -14.23 9.91 11.57
CA ASN E 108 -15.48 9.97 12.30
C ASN E 108 -15.24 9.71 13.78
N SER E 109 -16.08 10.33 14.62
CA SER E 109 -15.93 10.18 16.05
C SER E 109 -17.25 10.53 16.74
N LEU E 110 -17.44 9.96 17.92
CA LEU E 110 -18.62 10.20 18.74
C LEU E 110 -18.18 10.67 20.12
N HIS E 111 -18.76 11.78 20.57
CA HIS E 111 -18.29 12.39 21.82
C HIS E 111 -18.67 11.52 23.02
N ARG E 112 -17.71 11.27 23.88
CA ARG E 112 -17.90 10.53 25.12
C ARG E 112 -17.09 11.17 26.23
N PRO E 113 -17.51 11.03 27.48
CA PRO E 113 -16.72 11.57 28.59
C PRO E 113 -15.41 10.83 28.75
N ALA E 114 -14.42 11.54 29.28
CA ALA E 114 -13.10 10.96 29.47
C ALA E 114 -13.15 9.87 30.55
N GLU E 115 -12.13 9.01 30.53
CA GLU E 115 -12.11 7.87 31.45
C GLU E 115 -11.86 8.32 32.88
N PHE E 116 -10.87 9.19 33.09
CA PHE E 116 -10.48 9.60 34.43
C PHE E 116 -10.75 11.08 34.71
N ASN E 117 -10.20 11.98 33.89
CA ASN E 117 -10.38 13.41 34.09
C ASN E 117 -11.62 13.84 33.34
N ARG E 118 -12.77 13.81 34.03
CA ARG E 118 -14.03 14.17 33.40
C ARG E 118 -14.17 15.67 33.17
N SER E 119 -13.26 16.48 33.71
CA SER E 119 -13.25 17.91 33.39
C SER E 119 -12.61 18.21 32.05
N HIS E 120 -11.90 17.25 31.45
CA HIS E 120 -11.31 17.43 30.14
C HIS E 120 -12.38 17.21 29.07
N LEU E 121 -12.65 18.23 28.28
CA LEU E 121 -13.68 18.18 27.27
C LEU E 121 -13.15 18.67 25.94
N PRO E 122 -13.70 18.19 24.82
CA PRO E 122 -13.27 18.69 23.52
C PRO E 122 -13.57 20.17 23.36
N SER E 123 -12.72 20.85 22.59
CA SER E 123 -12.90 22.28 22.37
C SER E 123 -14.24 22.57 21.69
N PHE E 124 -14.68 21.69 20.77
CA PHE E 124 -15.94 21.93 20.09
C PHE E 124 -17.13 21.65 21.00
N ILE E 125 -16.97 20.77 21.99
CA ILE E 125 -18.04 20.54 22.95
C ILE E 125 -18.22 21.75 23.85
N MET E 126 -17.12 22.36 24.28
CA MET E 126 -17.18 23.55 25.11
C MET E 126 -17.58 24.80 24.33
N GLY E 127 -17.70 24.70 23.01
CA GLY E 127 -18.09 25.83 22.19
C GLY E 127 -17.07 26.95 22.13
N GLU E 128 -15.79 26.62 22.08
CA GLU E 128 -14.75 27.62 21.95
C GLU E 128 -14.64 28.08 20.50
N ILE E 129 -14.02 29.24 20.32
CA ILE E 129 -13.80 29.77 18.96
C ILE E 129 -12.74 28.94 18.27
N PRO E 130 -12.99 28.42 17.08
CA PRO E 130 -11.98 27.60 16.39
C PRO E 130 -10.72 28.40 16.10
N GLY E 131 -9.58 27.70 16.20
CA GLY E 131 -8.30 28.35 15.95
C GLY E 131 -8.03 28.56 14.47
N ASP E 132 -7.04 29.41 14.20
CA ASP E 132 -6.66 29.70 12.82
C ASP E 132 -6.00 28.50 12.16
N TRP E 133 -5.30 27.67 12.94
CA TRP E 133 -4.60 26.51 12.41
C TRP E 133 -5.08 25.25 13.13
N ILE E 134 -5.19 24.16 12.38
CA ILE E 134 -5.63 22.89 12.94
C ILE E 134 -4.71 21.77 12.46
N THR E 135 -4.56 20.76 13.31
CA THR E 135 -3.95 19.50 12.93
C THR E 135 -4.89 18.38 13.37
N VAL E 136 -5.04 17.36 12.52
CA VAL E 136 -5.99 16.29 12.75
C VAL E 136 -5.32 14.97 12.41
N TYR E 137 -5.48 13.98 13.28
CA TYR E 137 -4.97 12.65 12.97
C TYR E 137 -5.72 11.61 13.77
N PRO E 138 -5.83 10.39 13.27
CA PRO E 138 -6.38 9.30 14.06
C PRO E 138 -5.33 8.69 14.97
N PHE E 139 -5.79 7.87 15.91
CA PHE E 139 -4.91 7.32 16.93
C PHE E 139 -5.38 5.92 17.30
N VAL E 140 -4.44 5.00 17.40
CA VAL E 140 -4.69 3.64 17.87
C VAL E 140 -3.70 3.33 18.97
N ARG E 141 -4.21 2.91 20.13
CA ARG E 141 -3.36 2.57 21.26
C ARG E 141 -2.81 1.17 21.10
N SER E 142 -1.90 0.80 22.01
CA SER E 142 -1.36 -0.55 22.02
C SER E 142 -2.43 -1.55 22.45
N TYR E 143 -2.16 -2.82 22.17
CA TYR E 143 -3.15 -3.86 22.43
C TYR E 143 -3.43 -4.00 23.92
N ASP E 144 -2.40 -3.86 24.75
CA ASP E 144 -2.52 -4.03 26.19
C ASP E 144 -2.84 -2.74 26.93
N TRP E 145 -3.12 -1.66 26.21
CA TRP E 145 -3.31 -0.36 26.84
C TRP E 145 -4.54 -0.35 27.75
N TYR E 146 -5.65 -0.93 27.28
CA TYR E 146 -6.90 -0.82 28.02
C TYR E 146 -7.02 -1.84 29.15
N ILE E 147 -6.30 -2.96 29.06
CA ILE E 147 -6.37 -3.97 30.11
C ILE E 147 -5.25 -3.73 31.12
N MET E 148 -4.53 -2.63 30.94
CA MET E 148 -3.52 -2.21 31.91
C MET E 148 -4.18 -1.95 33.26
N ASP E 149 -3.36 -1.98 34.31
CA ASP E 149 -3.85 -1.64 35.64
C ASP E 149 -4.44 -0.23 35.61
N PRO E 150 -5.70 -0.05 36.02
CA PRO E 150 -6.32 1.28 35.89
C PRO E 150 -5.55 2.39 36.58
N GLN E 151 -4.94 2.12 37.73
CA GLN E 151 -4.15 3.15 38.40
C GLN E 151 -2.93 3.53 37.58
N LYS E 152 -2.25 2.54 37.00
CA LYS E 152 -1.07 2.83 36.19
C LYS E 152 -1.44 3.64 34.94
N ARG E 153 -2.52 3.25 34.26
CA ARG E 153 -2.96 3.99 33.09
C ARG E 153 -3.39 5.40 33.47
N ARG E 154 -4.06 5.55 34.61
CA ARG E 154 -4.48 6.87 35.06
C ARG E 154 -3.27 7.75 35.36
N LYS E 155 -2.24 7.19 35.99
CA LYS E 155 -1.03 7.96 36.26
C LYS E 155 -0.33 8.35 34.96
N ILE E 156 -0.26 7.43 34.00
CA ILE E 156 0.35 7.75 32.71
C ILE E 156 -0.41 8.87 32.02
N LEU E 157 -1.74 8.79 32.02
CA LEU E 157 -2.54 9.83 31.37
C LEU E 157 -2.43 11.17 32.10
N ALA E 158 -2.31 11.14 33.43
CA ALA E 158 -2.12 12.38 34.19
C ALA E 158 -0.80 13.04 33.83
N GLU E 159 0.27 12.24 33.75
CA GLU E 159 1.56 12.81 33.35
C GLU E 159 1.50 13.35 31.93
N HIS E 160 0.78 12.65 31.05
CA HIS E 160 0.64 13.07 29.66
C HIS E 160 -0.02 14.44 29.61
N GLY E 161 -1.17 14.58 30.28
CA GLY E 161 -1.85 15.85 30.32
C GLY E 161 -0.99 16.95 30.94
N GLN E 162 -0.26 16.62 32.00
CA GLN E 162 0.59 17.60 32.64
C GLN E 162 1.70 18.07 31.72
N ALA E 163 2.17 17.19 30.82
CA ALA E 163 3.23 17.57 29.91
C ALA E 163 2.83 18.68 28.95
N ALA E 164 1.52 18.91 28.76
CA ALA E 164 1.03 19.95 27.89
C ALA E 164 0.62 21.21 28.65
N ARG E 165 1.15 21.42 29.85
CA ARG E 165 0.77 22.57 30.66
C ARG E 165 1.26 23.89 30.07
N ASP E 166 2.30 23.85 29.24
CA ASP E 166 2.91 25.07 28.70
C ASP E 166 2.28 25.51 27.39
N PHE E 167 1.22 24.85 26.95
CA PHE E 167 0.54 25.19 25.70
C PHE E 167 -0.95 25.36 25.97
N PRO E 168 -1.34 26.38 26.74
CA PRO E 168 -2.77 26.63 26.95
C PRO E 168 -3.46 27.20 25.73
N ASP E 169 -2.72 27.78 24.79
CA ASP E 169 -3.29 28.34 23.58
C ASP E 169 -3.63 27.28 22.54
N VAL E 170 -3.22 26.04 22.75
CA VAL E 170 -3.55 24.94 21.85
C VAL E 170 -4.69 24.14 22.47
N ARG E 171 -5.84 24.14 21.80
CA ARG E 171 -7.03 23.47 22.29
C ARG E 171 -7.10 22.07 21.68
N ALA E 172 -7.34 21.08 22.53
CA ALA E 172 -7.32 19.68 22.15
C ALA E 172 -8.72 19.13 22.02
N ASN E 173 -8.88 18.21 21.06
CA ASN E 173 -10.13 17.49 20.84
C ASN E 173 -9.77 16.02 20.73
N THR E 174 -10.12 15.25 21.76
CA THR E 174 -9.87 13.82 21.80
C THR E 174 -11.20 13.11 21.85
N VAL E 175 -11.59 12.46 20.75
CA VAL E 175 -12.92 11.87 20.66
C VAL E 175 -12.82 10.39 20.34
N PRO E 176 -13.59 9.54 21.00
CA PRO E 176 -13.57 8.11 20.64
C PRO E 176 -14.02 7.89 19.21
N ALA E 177 -13.39 6.93 18.54
CA ALA E 177 -13.67 6.64 17.14
C ALA E 177 -13.87 5.14 16.89
N PHE E 178 -14.19 4.38 17.93
CA PHE E 178 -14.36 2.94 17.77
C PHE E 178 -15.56 2.64 16.88
N ALA E 179 -15.39 1.66 15.99
CA ALA E 179 -16.40 1.14 15.08
C ALA E 179 -16.86 2.15 14.03
N LEU E 180 -16.31 3.36 14.02
CA LEU E 180 -16.60 4.34 12.99
C LEU E 180 -15.50 4.41 11.94
N GLY E 181 -14.60 3.45 11.93
CA GLY E 181 -13.48 3.45 11.02
C GLY E 181 -12.43 2.46 11.49
N ASP E 182 -11.21 2.65 11.00
CA ASP E 182 -10.10 1.77 11.31
C ASP E 182 -9.37 2.14 12.59
N TYR E 183 -9.84 3.15 13.31
CA TYR E 183 -9.07 3.74 14.41
C TYR E 183 -9.87 3.71 15.70
N GLU E 184 -9.18 4.08 16.78
CA GLU E 184 -9.78 4.12 18.11
C GLU E 184 -10.09 5.53 18.59
N TRP E 185 -9.28 6.52 18.23
CA TRP E 185 -9.48 7.89 18.65
C TRP E 185 -9.25 8.83 17.48
N MET E 186 -9.90 9.99 17.55
CA MET E 186 -9.67 11.08 16.61
C MET E 186 -9.16 12.28 17.41
N LEU E 187 -8.03 12.84 16.98
CA LEU E 187 -7.38 13.92 17.70
C LEU E 187 -7.29 15.14 16.79
N ALA E 188 -7.69 16.29 17.32
CA ALA E 188 -7.67 17.55 16.58
C ALA E 188 -7.17 18.65 17.49
N PHE E 189 -6.10 19.34 17.09
CA PHE E 189 -5.51 20.41 17.87
C PHE E 189 -5.64 21.72 17.10
N GLU E 190 -6.21 22.73 17.76
CA GLU E 190 -6.44 24.04 17.16
C GLU E 190 -5.59 25.07 17.89
N ALA E 191 -4.82 25.84 17.13
CA ALA E 191 -3.98 26.87 17.71
C ALA E 191 -3.98 28.10 16.82
N PRO E 192 -3.78 29.29 17.40
N PRO E 192 -3.78 29.29 17.40
CA PRO E 192 -3.63 30.49 16.57
CA PRO E 192 -3.63 30.50 16.56
C PRO E 192 -2.40 30.46 15.66
C PRO E 192 -2.40 30.48 15.67
N ARG E 193 -1.37 29.70 16.02
CA ARG E 193 -0.15 29.63 15.25
CA ARG E 193 -0.14 29.63 15.25
C ARG E 193 0.24 28.18 15.03
N LEU E 194 0.75 27.89 13.83
CA LEU E 194 1.16 26.53 13.51
C LEU E 194 2.39 26.10 14.29
N ASP E 195 3.32 27.04 14.52
CA ASP E 195 4.53 26.71 15.27
C ASP E 195 4.20 26.25 16.68
N ARG E 196 3.12 26.76 17.27
CA ARG E 196 2.69 26.27 18.57
C ARG E 196 2.29 24.80 18.51
N ILE E 197 1.56 24.41 17.47
CA ILE E 197 1.20 23.01 17.30
C ILE E 197 2.43 22.15 17.13
N VAL E 198 3.39 22.61 16.32
CA VAL E 198 4.61 21.85 16.09
C VAL E 198 5.38 21.67 17.39
N ASP E 199 5.52 22.76 18.16
CA ASP E 199 6.24 22.69 19.42
C ASP E 199 5.54 21.78 20.42
N LEU E 200 4.20 21.85 20.49
CA LEU E 200 3.47 20.98 21.40
C LEU E 200 3.65 19.52 21.01
N MET E 201 3.58 19.21 19.70
CA MET E 201 3.76 17.83 19.27
C MET E 201 5.17 17.33 19.57
N HIS E 202 6.17 18.19 19.39
CA HIS E 202 7.53 17.82 19.74
C HIS E 202 7.67 17.55 21.24
N LYS E 203 7.10 18.43 22.06
CA LYS E 203 7.22 18.29 23.51
C LYS E 203 6.48 17.05 24.00
N MET E 204 5.35 16.71 23.38
CA MET E 204 4.54 15.58 23.83
C MET E 204 5.22 14.25 23.60
N ARG E 205 6.30 14.20 22.83
CA ARG E 205 7.05 12.96 22.64
C ARG E 205 7.77 12.53 23.91
N TYR E 206 7.94 13.43 24.88
CA TYR E 206 8.65 13.13 26.12
C TYR E 206 7.69 12.64 27.20
N THR E 207 6.87 11.64 26.86
CA THR E 207 5.88 11.11 27.79
C THR E 207 5.92 9.59 27.74
N GLU E 208 5.52 8.97 28.86
CA GLU E 208 5.48 7.51 28.91
C GLU E 208 4.39 6.95 28.01
N ALA E 209 3.35 7.74 27.72
CA ALA E 209 2.27 7.28 26.86
C ALA E 209 2.77 6.91 25.46
N ARG E 210 3.90 7.50 25.03
CA ARG E 210 4.46 7.15 23.74
C ARG E 210 4.85 5.68 23.65
N LEU E 211 5.00 5.00 24.78
CA LEU E 211 5.29 3.58 24.79
C LEU E 211 4.08 2.72 24.43
N HIS E 212 2.91 3.32 24.29
CA HIS E 212 1.67 2.58 24.05
C HIS E 212 0.94 3.13 22.84
N VAL E 213 1.67 3.30 21.74
CA VAL E 213 1.13 3.84 20.49
C VAL E 213 1.30 2.80 19.41
N ARG E 214 0.25 2.58 18.63
CA ARG E 214 0.30 1.66 17.49
C ARG E 214 0.20 2.38 16.15
N GLU E 215 -0.78 3.27 15.99
CA GLU E 215 -0.95 4.03 14.75
C GLU E 215 -1.35 5.45 15.08
N GLU E 216 -0.71 6.42 14.40
CA GLU E 216 -1.07 7.82 14.59
C GLU E 216 -1.05 8.60 13.27
N THR E 217 -1.19 7.94 12.15
CA THR E 217 -1.13 8.55 10.83
C THR E 217 -2.35 8.15 10.03
N PRO E 218 -2.73 8.92 9.00
CA PRO E 218 -2.10 10.14 8.46
C PRO E 218 -2.40 11.42 9.22
N PHE E 219 -1.56 12.43 9.02
CA PHE E 219 -1.74 13.77 9.58
C PHE E 219 -2.35 14.69 8.54
N PHE E 220 -3.18 15.62 9.00
CA PHE E 220 -3.76 16.64 8.13
C PHE E 220 -3.65 17.98 8.84
N THR E 221 -2.80 18.85 8.32
CA THR E 221 -2.56 20.17 8.90
C THR E 221 -3.11 21.23 7.95
N GLY E 222 -3.91 22.15 8.48
CA GLY E 222 -4.58 23.10 7.63
C GLY E 222 -4.85 24.43 8.29
N ARG E 223 -5.19 25.41 7.46
N ARG E 223 -5.20 25.41 7.46
CA ARG E 223 -5.51 26.76 7.89
CA ARG E 223 -5.51 26.76 7.89
C ARG E 223 -6.99 27.02 7.68
C ARG E 223 -7.01 27.01 7.68
N ARG E 224 -7.64 27.58 8.69
N ARG E 224 -7.66 27.56 8.71
CA ARG E 224 -9.07 27.85 8.60
CA ARG E 224 -9.08 27.86 8.62
C ARG E 224 -9.31 29.03 7.67
C ARG E 224 -9.31 29.03 7.67
N VAL E 225 -10.29 28.88 6.78
CA VAL E 225 -10.67 29.93 5.84
C VAL E 225 -11.97 30.57 6.33
N SER E 226 -12.10 31.88 6.11
CA SER E 226 -13.29 32.59 6.55
C SER E 226 -14.51 32.17 5.76
N GLU E 227 -14.36 31.97 4.46
CA GLU E 227 -15.48 31.59 3.59
C GLU E 227 -14.97 30.64 2.51
N VAL E 228 -15.93 29.92 1.90
CA VAL E 228 -15.58 28.90 0.93
C VAL E 228 -14.97 29.50 -0.34
N SER E 229 -15.21 30.78 -0.62
CA SER E 229 -14.62 31.41 -1.79
C SER E 229 -13.10 31.44 -1.69
N GLU E 230 -12.58 31.74 -0.50
CA GLU E 230 -11.15 31.77 -0.29
C GLU E 230 -10.52 30.40 -0.57
N LEU E 231 -11.23 29.33 -0.21
CA LEU E 231 -10.72 27.99 -0.50
C LEU E 231 -10.80 27.66 -1.97
N VAL E 232 -11.94 27.98 -2.61
CA VAL E 232 -12.14 27.59 -4.00
C VAL E 232 -11.18 28.33 -4.92
N ASN E 233 -10.87 29.59 -4.60
CA ASN E 233 -10.03 30.39 -5.48
C ASN E 233 -8.58 29.94 -5.50
N VAL E 234 -8.16 29.06 -4.59
CA VAL E 234 -6.77 28.60 -4.55
C VAL E 234 -6.63 27.15 -5.01
N LEU E 235 -7.72 26.44 -5.26
CA LEU E 235 -7.63 25.04 -5.67
C LEU E 235 -7.04 24.94 -7.08
N PRO E 236 -6.36 23.85 -7.39
CA PRO E 236 -5.84 23.66 -8.75
C PRO E 236 -6.97 23.59 -9.77
N GLY E 237 -6.70 24.14 -10.95
CA GLY E 237 -7.69 24.19 -12.02
C GLY E 237 -8.16 22.83 -12.51
CHA HEM F . 28.03 -9.99 0.58
CHB HEM F . 28.95 -14.29 -1.47
CHC HEM F . 24.24 -14.84 -2.44
CHD HEM F . 23.28 -10.93 0.25
C1A HEM F . 28.71 -11.09 0.12
C2A HEM F . 30.14 -11.34 0.17
C3A HEM F . 30.38 -12.52 -0.40
C4A HEM F . 29.12 -13.08 -0.84
CMA HEM F . 31.77 -13.19 -0.55
CAA HEM F . 31.23 -10.42 0.77
CBA HEM F . 30.98 -10.15 2.25
CGA HEM F . 32.21 -9.52 2.84
O1A HEM F . 32.15 -8.33 3.21
O2A HEM F . 33.24 -10.22 2.93
C1B HEM F . 27.77 -14.71 -2.07
C2B HEM F . 27.66 -15.59 -3.20
C3B HEM F . 26.35 -15.75 -3.47
C4B HEM F . 25.61 -14.96 -2.50
CMB HEM F . 28.88 -16.20 -3.92
CAB HEM F . 25.65 -16.58 -4.58
CBB HEM F . 26.28 -17.31 -5.51
C1C HEM F . 23.56 -13.91 -1.68
C2C HEM F . 22.16 -13.95 -1.32
C3C HEM F . 21.88 -12.85 -0.58
C4C HEM F . 23.12 -12.11 -0.45
CMC HEM F . 21.20 -15.08 -1.78
CAC HEM F . 20.56 -12.39 0.07
CBC HEM F . 19.42 -13.09 0.09
C1D HEM F . 24.47 -10.29 0.48
C2D HEM F . 24.62 -8.93 0.98
C3D HEM F . 25.93 -8.67 1.08
C4D HEM F . 26.66 -9.84 0.64
CMD HEM F . 23.47 -7.97 1.33
CAD HEM F . 26.52 -7.32 1.56
CBD HEM F . 27.37 -7.51 2.81
CGD HEM F . 26.56 -7.12 4.02
O1D HEM F . 27.15 -6.60 5.00
O2D HEM F . 25.32 -7.31 4.00
NA HEM F . 28.12 -12.18 -0.51
NB HEM F . 26.51 -14.33 -1.67
NC HEM F . 24.12 -12.78 -1.12
ND HEM F . 25.74 -10.81 0.29
FE HEM F . 26.12 -12.56 -0.71
CHA HEM G . 20.68 15.30 14.81
CHB HEM G . 25.19 15.47 13.03
CHC HEM G . 23.87 12.50 9.45
CHD HEM G . 19.65 11.74 11.68
C1A HEM G . 22.01 15.60 14.66
C2A HEM G . 22.81 16.46 15.51
C3A HEM G . 24.05 16.51 15.03
C4A HEM G . 24.10 15.69 13.83
CMA HEM G . 25.23 17.30 15.62
CAA HEM G . 22.28 17.18 16.77
CBA HEM G . 22.59 16.33 17.99
CGA HEM G . 22.04 16.99 19.22
O1A HEM G . 21.16 17.88 19.09
O2A HEM G . 22.47 16.62 20.33
C1B HEM G . 25.16 14.82 11.81
C2B HEM G . 26.03 15.08 10.68
C3B HEM G . 25.66 14.25 9.69
C4B HEM G . 24.54 13.46 10.16
CMB HEM G . 27.15 16.14 10.71
CAB HEM G . 26.25 14.09 8.26
CBB HEM G . 27.26 14.81 7.76
C1C HEM G . 22.66 11.94 9.81
C2C HEM G . 22.06 10.75 9.24
C3C HEM G . 20.89 10.54 9.86
C4C HEM G . 20.71 11.60 10.84
CMC HEM G . 22.73 9.92 8.11
CAC HEM G . 19.83 9.42 9.66
CBC HEM G . 19.99 8.33 8.89
C1D HEM G . 19.52 12.70 12.67
C2D HEM G . 18.30 13.03 13.38
C3D HEM G . 18.58 13.99 14.26
C4D HEM G . 19.99 14.34 14.11
CMD HEM G . 16.93 12.35 13.20
CAD HEM G . 17.56 14.64 15.21
CBD HEM G . 17.97 14.47 16.67
CGD HEM G . 17.12 13.40 17.30
O1D HEM G . 16.87 13.48 18.53
O2D HEM G . 16.68 12.47 16.58
NA HEM G . 22.84 15.15 13.64
NB HEM G . 24.26 13.84 11.45
NC HEM G . 21.82 12.42 10.78
ND HEM G . 20.52 13.52 13.13
FE HEM G . 22.39 13.69 12.29
CHA HEM H . 5.11 -29.13 3.40
CHB HEM H . 1.32 -32.03 4.25
CHC HEM H . -1.63 -28.20 4.33
CHD HEM H . 2.24 -25.29 4.22
C1A HEM H . 4.37 -30.27 3.63
C2A HEM H . 4.84 -31.64 3.68
C3A HEM H . 3.79 -32.43 3.92
C4A HEM H . 2.60 -31.60 4.01
CMA HEM H . 3.82 -33.97 4.07
CAA HEM H . 6.28 -32.15 3.52
CBA HEM H . 7.27 -31.45 4.45
CGA HEM H . 8.57 -32.20 4.42
O1A HEM H . 9.64 -31.54 4.50
O2A HEM H . 8.55 -33.44 4.31
C1B HEM H . 0.19 -31.25 4.15
C2B HEM H . -1.13 -31.71 3.77
C3B HEM H . -1.96 -30.64 3.79
C4B HEM H . -1.17 -29.50 4.18
CMB HEM H . -1.44 -33.18 3.41
CAB HEM H . -3.47 -30.54 3.47
CBB HEM H . -4.24 -31.56 3.08
C1C HEM H . -0.82 -27.08 4.45
C2C HEM H . -1.24 -25.77 4.90
C3C HEM H . -0.16 -24.96 4.87
C4C HEM H . 0.95 -25.75 4.40
CMC HEM H . -2.69 -25.44 5.32
CAC HEM H . -0.02 -23.47 5.25
CBC HEM H . -0.98 -22.72 5.80
C1D HEM H . 3.33 -26.06 3.90
C2D HEM H . 4.63 -25.57 3.50
C3D HEM H . 5.43 -26.62 3.27
C4D HEM H . 4.67 -27.83 3.51
CMD HEM H . 5.03 -24.09 3.36
CAD HEM H . 6.90 -26.52 2.82
CBD HEM H . 7.85 -27.13 3.85
CGD HEM H . 8.50 -26.02 4.63
O1D HEM H . 9.67 -26.19 5.04
O2D HEM H . 7.84 -24.97 4.85
NA HEM H . 3.00 -30.29 3.83
NB HEM H . 0.14 -29.90 4.39
NC HEM H . 0.52 -27.03 4.15
ND HEM H . 3.39 -27.45 3.90
FE HEM H . 1.76 -28.67 4.11
CHA HEM I . -16.31 -15.67 19.48
CHB HEM I . -19.44 -13.24 22.27
CHC HEM I . -17.94 -9.07 20.34
CHD HEM I . -14.29 -11.44 18.22
C1A HEM I . -17.29 -15.40 20.42
C2A HEM I . -18.03 -16.36 21.23
C3A HEM I . -18.87 -15.67 21.99
C4A HEM I . -18.73 -14.27 21.70
CMA HEM I . -19.86 -16.29 23.02
CAA HEM I . -17.87 -17.90 21.26
CBA HEM I . -16.43 -18.34 21.48
CGA HEM I . -16.41 -19.83 21.72
O1A HEM I . -15.42 -20.48 21.33
O2A HEM I . -17.39 -20.35 22.29
C1B HEM I . -19.42 -11.93 21.84
C2B HEM I . -20.51 -10.98 21.98
C3B HEM I . -20.09 -9.81 21.44
C4B HEM I . -18.73 -10.01 20.97
CMB HEM I . -21.86 -11.31 22.62
CAB HEM I . -20.83 -8.45 21.30
CBB HEM I . -22.08 -8.21 21.70
C1C HEM I . -16.75 -9.33 19.71
C2C HEM I . -15.75 -8.36 19.29
C3C HEM I . -14.75 -9.02 18.70
C4C HEM I . -15.07 -10.42 18.73
CMC HEM I . -15.91 -6.84 19.52
CAC HEM I . -13.42 -8.48 18.07
CBC HEM I . -12.98 -7.22 18.17
C1D HEM I . -14.58 -12.79 18.28
C2D HEM I . -13.95 -13.82 17.51
C3D HEM I . -14.49 -14.99 17.85
C4D HEM I . -15.50 -14.74 18.86
CMD HEM I . -12.82 -13.62 16.47
CAD HEM I . -14.09 -16.36 17.25
CBD HEM I . -13.55 -17.30 18.31
CGD HEM I . -12.04 -17.29 18.26
O1D HEM I . -11.46 -16.24 17.90
O2D HEM I . -11.43 -18.33 18.59
NA HEM I . -17.76 -14.14 20.73
NB HEM I . -18.36 -11.31 21.23
NC HEM I . -16.29 -10.58 19.34
ND HEM I . -15.53 -13.38 19.10
FE HEM I . -16.95 -12.35 20.14
CHA HEM J . -6.62 11.81 26.56
CHB HEM J . -4.64 16.09 27.70
CHC HEM J . -2.20 16.09 23.53
CHD HEM J . -3.58 11.51 22.78
C1A HEM J . -6.31 12.97 27.25
C2A HEM J . -6.84 13.39 28.53
C3A HEM J . -6.29 14.56 28.84
C4A HEM J . -5.40 14.93 27.77
CMA HEM J . -6.56 15.38 30.12
CAA HEM J . -7.85 12.62 29.42
CBA HEM J . -7.30 11.28 29.87
CGA HEM J . -8.17 10.76 30.99
O1A HEM J . -8.98 9.83 30.73
O2A HEM J . -8.05 11.27 32.12
C1B HEM J . -3.97 16.53 26.58
C2B HEM J . -3.71 17.90 26.23
C3B HEM J . -3.02 17.91 25.07
C4B HEM J . -2.84 16.53 24.66
CMB HEM J . -4.17 19.10 27.10
CAB HEM J . -2.48 19.10 24.23
CBB HEM J . -2.65 20.39 24.54
C1C HEM J . -2.25 14.81 23.04
C2C HEM J . -1.37 14.23 22.04
C3C HEM J . -1.75 12.96 21.83
C4C HEM J . -2.89 12.70 22.69
CMC HEM J . -0.21 15.02 21.38
CAC HEM J . -1.17 11.88 20.89
CBC HEM J . -0.05 12.01 20.15
C1D HEM J . -4.58 11.24 23.67
C2D HEM J . -5.48 10.10 23.61
C3D HEM J . -6.32 10.17 24.65
C4D HEM J . -5.99 11.36 25.41
CMD HEM J . -5.46 9.00 22.53
CAD HEM J . -7.44 9.15 24.94
CBD HEM J . -7.24 8.47 26.29
CGD HEM J . -6.63 7.11 26.08
O1D HEM J . -6.91 6.20 26.90
O2D HEM J . -5.87 6.94 25.09
NA HEM J . -5.44 13.94 26.82
NB HEM J . -3.43 15.72 25.61
NC HEM J . -3.16 13.84 23.41
ND HEM J . -4.92 11.98 24.78
FE HEM J . -4.20 13.86 25.18
#